data_6WUT
#
_entry.id   6WUT
#
_cell.length_a   1.00
_cell.length_b   1.00
_cell.length_c   1.00
_cell.angle_alpha   90.00
_cell.angle_beta   90.00
_cell.angle_gamma   90.00
#
_symmetry.space_group_name_H-M   'P 1'
#
loop_
_entity.id
_entity.type
_entity.pdbx_description
1 polymer Sam35
2 polymer 'Bac_surface_Ag domain-containing protein'
3 polymer 'Tom37 domain-containing protein'
#
loop_
_entity_poly.entity_id
_entity_poly.type
_entity_poly.pdbx_seq_one_letter_code
_entity_poly.pdbx_strand_id
1 'polypeptide(L)'
;MASIPSAAPSWRKMQIPRPLQRLFDYFPLRIYEPNELPERSQQLTSGDLPTLYVFSTDSDARLGLPSFNPGCLKWQTLLR
LANLDFRILPSTNHSSPTGSLPFLLPPRTSPTASPAPIPASGLLSFARKNPWRPGKAADLDLGHLDADLPPRAQAYLALI
THSLRNAWLCALYLDPTHDALLRRLYVDPASSSRAVRAALLHQLRRAAAEQVATASSGGGKIVSLAPVDSADGIDEEAVY
RSARDALDALASLLRESETAWFFGTERPGSFDAALFSYTHLMVEYMSEEEDTESAKGRVSLGRMVKEAGNGELAEHRERM
LGVAWPEWDGYRR
;
A
2 'polypeptide(L)'
;MASSLGFGGSNAVDKVNATTTPGTVATPNSGPTKMLDEHILTPASISTLEVHGATNTRRSLLDQIFKPVLEDTAAAGTTL
GQVLDRVGAATKKLARFDIFKEEGFGVFLSEAAPPQSAPPTDRTDLDISIRVKEKSRLVFSAGTDFGNAEGSAYTNAVVR
NIFGGAETLTVNASTGTRTRSAYNATFSTPINGNPDLRLSVEALRSATQKPWASHEEHLTGANLRLAWLTEKGDTHALAY
SSVWRQLTGLAPTASPTVRADAGDSLKSSLTHTFTRDRRDNPMLPQSGYLFRSVSELAGWGPLNGDVSFAKTEVEASGAL
PVAIPGLAGKSGVSVGGGLRLGVLYPLPLGYSLTGAAQPSRINDRFQLGGPNDVRGFKIGGLGPHDGVDAVGGDVFAAGS
VNALLPLPRTGPDSPLRLQLYANAGRLVALNSKGTDKEGKEGLAMDSAAVFKGVKSAVGKLTNGIPSLAAGVGLVYAHPV
ARFELNFSLPLVLRRGEEGRKGLQVGVGISFL
;
B
3 'polypeptide(L)'
;MSSAWSHPQFEKGGGSGGGSGGSAWSHPQFEKGGMAVQLHVWGPAFGLPSIDAECLAAIAYLAQTLGSADYQLIQSSPSA
VPTQHLPTLYDSRTSTWIGGFTSITAHLHTHPPPTFQSAPQPTDGSSSTTTTTTTTTTAASATADGTAYTAFLSAHAAPL
LALSLYVSSANYGAATRPAYSAVLPLPLPWTEPPAVRAAMARRAAHLGLSSLDADAAAERARAEERRAAADGWVAVPPHA
TAGRAAGGGGGGGGGGGKGGGVAAVLTPEQKSRIRLEEAAREVLDVLAEVDWAAGGGGRQVAAEVRCLAFGYLALMLLPD
VPRPWLREIMEGRYPALCTFVRDFRARVFPQGGKLLPWADGGAQASASASASASAVALRFVRAVMAEVPLVGEWWSRWWT
ARKKREVLASKGAKPAPSNDLLLLLGAGLGLTVVGAGVFFYRGLPPFGEAVQVWRKPVVGLSSFGAAGAMFSGALYGLD
;
C
#
# COMPACT_ATOMS: atom_id res chain seq x y z
N TYR A 26 0.09 41.37 -14.82
CA TYR A 26 -0.43 42.66 -15.25
C TYR A 26 -1.90 42.60 -15.60
N PHE A 27 -2.30 41.58 -16.33
CA PHE A 27 -3.66 41.62 -16.87
C PHE A 27 -4.85 41.32 -15.96
N PRO A 28 -4.81 40.48 -14.92
CA PRO A 28 -6.05 40.24 -14.15
C PRO A 28 -6.54 41.50 -13.45
N LEU A 29 -7.61 42.07 -14.02
CA LEU A 29 -8.06 43.43 -13.77
C LEU A 29 -8.75 43.58 -12.43
N ARG A 30 -9.11 42.49 -11.78
CA ARG A 30 -9.84 42.57 -10.53
C ARG A 30 -9.53 41.33 -9.74
N ILE A 31 -8.90 41.50 -8.58
CA ILE A 31 -8.57 40.41 -7.69
C ILE A 31 -9.35 40.62 -6.40
N TYR A 32 -10.08 39.59 -5.98
CA TYR A 32 -10.86 39.64 -4.75
C TYR A 32 -10.11 38.96 -3.62
N GLU A 33 -10.66 39.09 -2.42
CA GLU A 33 -10.18 38.33 -1.28
C GLU A 33 -10.47 36.85 -1.51
N PRO A 34 -9.59 35.96 -1.04
CA PRO A 34 -9.66 34.55 -1.45
C PRO A 34 -10.89 33.84 -0.89
N ASN A 35 -11.15 32.67 -1.45
CA ASN A 35 -12.27 31.86 -1.00
C ASN A 35 -11.88 31.16 0.29
N GLU A 36 -12.83 31.04 1.20
CA GLU A 36 -12.56 30.38 2.47
C GLU A 36 -12.43 28.88 2.27
N LEU A 37 -11.77 28.23 3.21
CA LEU A 37 -11.55 26.81 3.17
C LEU A 37 -12.85 26.11 3.56
N PRO A 38 -12.97 24.81 3.29
CA PRO A 38 -14.14 24.07 3.78
C PRO A 38 -14.21 23.99 5.30
N GLU A 39 -15.32 23.47 5.79
CA GLU A 39 -15.54 23.39 7.23
C GLU A 39 -14.61 22.38 7.88
N ARG A 40 -14.19 21.37 7.14
CA ARG A 40 -13.38 20.31 7.73
C ARG A 40 -11.98 20.80 8.05
N SER A 41 -11.37 21.56 7.15
CA SER A 41 -10.04 22.10 7.42
C SER A 41 -10.07 23.26 8.40
N GLN A 42 -11.17 24.02 8.44
CA GLN A 42 -11.35 25.07 9.43
C GLN A 42 -11.49 24.54 10.84
N GLN A 43 -11.88 23.27 11.00
CA GLN A 43 -11.93 22.62 12.30
C GLN A 43 -10.65 21.88 12.63
N LEU A 44 -10.12 21.10 11.68
CA LEU A 44 -9.01 20.23 11.97
C LEU A 44 -7.67 20.95 11.95
N THR A 45 -7.46 21.88 11.01
CA THR A 45 -6.15 22.47 10.79
C THR A 45 -6.11 23.95 11.13
N SER A 46 -6.69 24.37 12.27
CA SER A 46 -6.73 25.79 12.59
C SER A 46 -6.32 26.09 14.03
N GLY A 47 -5.36 25.35 14.58
CA GLY A 47 -4.92 25.59 15.94
C GLY A 47 -3.90 26.70 16.04
N ASP A 48 -3.64 27.12 17.28
CA ASP A 48 -2.65 28.16 17.56
C ASP A 48 -1.38 27.62 18.21
N LEU A 49 -1.38 26.39 18.66
CA LEU A 49 -0.19 25.67 19.08
C LEU A 49 0.30 24.79 17.94
N PRO A 50 1.55 24.33 17.98
CA PRO A 50 1.94 23.25 17.09
C PRO A 50 1.22 21.97 17.44
N THR A 51 1.12 21.09 16.45
CA THR A 51 0.38 19.85 16.62
C THR A 51 1.24 18.67 16.20
N LEU A 52 1.38 17.71 17.10
CA LEU A 52 2.10 16.47 16.83
C LEU A 52 1.10 15.39 16.48
N TYR A 53 1.19 14.83 15.28
CA TYR A 53 0.23 13.85 14.81
C TYR A 53 0.72 12.44 15.15
N VAL A 54 -0.05 11.74 15.98
CA VAL A 54 0.35 10.51 16.63
C VAL A 54 -0.68 9.43 16.35
N PHE A 55 -0.44 8.25 16.92
CA PHE A 55 -1.41 7.17 16.97
C PHE A 55 -2.09 7.25 18.34
N SER A 56 -3.24 7.89 18.41
CA SER A 56 -3.99 7.98 19.65
C SER A 56 -5.46 7.84 19.32
N THR A 57 -6.29 7.90 20.34
CA THR A 57 -7.73 7.88 20.18
C THR A 57 -8.27 9.27 20.44
N ASP A 58 -9.52 9.50 20.06
CA ASP A 58 -10.06 10.85 20.12
C ASP A 58 -10.38 11.31 21.53
N SER A 59 -10.44 10.40 22.50
CA SER A 59 -10.61 10.79 23.90
C SER A 59 -9.29 10.96 24.62
N ASP A 60 -8.25 10.26 24.18
CA ASP A 60 -6.93 10.46 24.74
C ASP A 60 -6.27 11.72 24.20
N ALA A 61 -6.53 12.08 22.95
CA ALA A 61 -5.88 13.23 22.34
C ALA A 61 -6.39 14.55 22.87
N ARG A 62 -7.62 14.59 23.40
CA ARG A 62 -8.13 15.81 24.01
C ARG A 62 -7.42 16.13 25.32
N LEU A 63 -6.85 15.12 25.98
CA LEU A 63 -6.16 15.32 27.24
C LEU A 63 -4.65 15.38 27.09
N GLY A 64 -4.10 14.72 26.09
CA GLY A 64 -2.67 14.68 25.90
C GLY A 64 -2.03 13.41 26.40
N LEU A 65 -2.79 12.33 26.50
CA LEU A 65 -2.32 11.12 27.12
C LEU A 65 -1.32 10.41 26.21
N PRO A 66 -0.53 9.47 26.74
CA PRO A 66 0.43 8.73 25.90
C PRO A 66 -0.21 7.95 24.77
N SER A 67 0.51 7.89 23.66
CA SER A 67 0.07 7.18 22.47
C SER A 67 0.11 5.67 22.71
N PHE A 68 -0.48 4.91 21.78
CA PHE A 68 -0.38 3.47 21.86
C PHE A 68 0.61 2.90 20.86
N ASN A 69 1.27 3.73 20.11
CA ASN A 69 2.38 3.34 19.26
C ASN A 69 3.67 3.73 19.93
N PRO A 70 4.64 2.82 20.09
CA PRO A 70 5.85 3.20 20.84
C PRO A 70 6.77 4.13 20.07
N GLY A 71 6.78 4.06 18.74
CA GLY A 71 7.58 4.97 17.95
C GLY A 71 7.09 6.39 17.96
N CYS A 72 5.81 6.59 18.30
CA CYS A 72 5.27 7.92 18.55
C CYS A 72 5.42 8.35 19.99
N LEU A 73 5.33 7.42 20.93
CA LEU A 73 5.43 7.77 22.34
C LEU A 73 6.84 8.16 22.71
N LYS A 74 7.85 7.63 22.03
CA LYS A 74 9.23 8.07 22.24
C LYS A 74 9.40 9.56 22.00
N TRP A 75 8.94 10.03 20.83
CA TRP A 75 9.10 11.43 20.49
C TRP A 75 8.15 12.31 21.26
N GLN A 76 6.98 11.79 21.63
CA GLN A 76 6.07 12.54 22.47
C GLN A 76 6.62 12.75 23.88
N THR A 77 7.28 11.73 24.43
CA THR A 77 7.95 11.86 25.72
C THR A 77 9.12 12.82 25.64
N LEU A 78 9.85 12.81 24.52
CA LEU A 78 10.96 13.74 24.36
C LEU A 78 10.48 15.17 24.22
N LEU A 79 9.37 15.39 23.50
CA LEU A 79 8.82 16.73 23.36
C LEU A 79 8.15 17.20 24.64
N ARG A 80 7.77 16.30 25.53
CA ARG A 80 7.24 16.72 26.81
C ARG A 80 8.30 16.91 27.87
N LEU A 81 9.49 16.31 27.71
CA LEU A 81 10.61 16.60 28.58
C LEU A 81 11.36 17.87 28.17
N ALA A 82 11.16 18.33 26.95
CA ALA A 82 11.80 19.54 26.44
C ALA A 82 11.04 20.81 26.77
N ASN A 83 9.92 20.70 27.50
CA ASN A 83 9.04 21.80 27.88
C ASN A 83 8.56 22.59 26.66
N LEU A 84 7.87 21.89 25.79
CA LEU A 84 7.29 22.45 24.58
C LEU A 84 5.78 22.39 24.69
N ASP A 85 5.10 23.49 24.36
CA ASP A 85 3.65 23.56 24.35
C ASP A 85 3.14 23.05 23.01
N PHE A 86 2.39 21.96 23.04
CA PHE A 86 1.88 21.36 21.82
C PHE A 86 0.60 20.62 22.11
N ARG A 87 -0.10 20.24 21.04
CA ARG A 87 -1.24 19.36 21.08
C ARG A 87 -0.90 18.05 20.39
N ILE A 88 -1.78 17.07 20.56
CA ILE A 88 -1.71 15.86 19.74
C ILE A 88 -3.04 15.71 19.01
N LEU A 89 -3.00 14.98 17.91
CA LEU A 89 -4.17 14.65 17.15
C LEU A 89 -3.90 13.29 16.54
N PRO A 90 -4.88 12.40 16.48
CA PRO A 90 -4.66 11.11 15.83
C PRO A 90 -4.52 11.26 14.33
N SER A 91 -3.64 10.45 13.77
CA SER A 91 -3.37 10.47 12.34
C SER A 91 -3.11 9.07 11.86
N THR A 92 -2.99 8.94 10.54
CA THR A 92 -2.56 7.74 9.86
C THR A 92 -1.23 8.00 9.17
N ASN A 93 -0.55 6.91 8.82
CA ASN A 93 0.79 6.98 8.24
C ASN A 93 0.81 7.71 6.91
N HIS A 94 -0.31 7.77 6.19
CA HIS A 94 -0.36 8.32 4.86
C HIS A 94 -0.23 9.83 4.84
N SER A 95 -0.50 10.50 5.95
CA SER A 95 -0.44 11.95 6.04
C SER A 95 0.94 12.47 6.39
N SER A 96 1.88 11.60 6.68
CA SER A 96 3.19 11.98 7.14
C SER A 96 4.06 12.42 5.97
N PRO A 97 5.01 13.34 6.20
CA PRO A 97 5.92 13.71 5.12
C PRO A 97 6.86 12.59 4.73
N THR A 98 7.25 11.78 5.70
CA THR A 98 7.92 10.51 5.48
C THR A 98 6.88 9.40 5.50
N GLY A 99 7.35 8.16 5.61
CA GLY A 99 6.42 7.05 5.61
C GLY A 99 5.73 6.83 6.95
N SER A 100 6.46 7.01 8.05
CA SER A 100 6.01 6.66 9.39
C SER A 100 5.50 7.90 10.10
N LEU A 101 4.80 7.69 11.23
CA LEU A 101 3.84 8.71 11.64
C LEU A 101 4.41 9.97 12.31
N PRO A 102 5.12 9.95 13.44
CA PRO A 102 5.11 11.15 14.31
C PRO A 102 5.81 12.36 13.71
N PHE A 103 4.98 13.30 13.24
CA PHE A 103 5.46 14.53 12.62
C PHE A 103 4.70 15.69 13.24
N LEU A 104 5.20 16.90 12.98
CA LEU A 104 4.65 18.10 13.59
C LEU A 104 4.31 19.12 12.52
N LEU A 105 3.24 19.87 12.77
CA LEU A 105 2.77 20.91 11.88
C LEU A 105 2.65 22.18 12.71
N PRO A 106 3.42 23.22 12.43
CA PRO A 106 3.35 24.45 13.22
C PRO A 106 2.06 25.21 12.93
N PRO A 107 1.70 26.20 13.74
CA PRO A 107 0.46 26.94 13.50
C PRO A 107 0.51 27.78 12.23
N ARG A 108 -0.67 28.01 11.67
CA ARG A 108 -0.79 28.87 10.50
C ARG A 108 -0.45 30.31 10.83
N THR A 109 0.05 31.03 9.84
CA THR A 109 0.26 32.47 9.93
C THR A 109 -0.89 33.23 9.30
N SER A 110 -1.29 32.85 8.10
CA SER A 110 -2.46 33.29 7.38
C SER A 110 -3.53 32.21 7.42
N PRO A 111 -4.81 32.55 7.23
CA PRO A 111 -5.84 31.50 7.21
C PRO A 111 -5.80 30.58 6.01
N THR A 112 -4.98 30.88 4.99
CA THR A 112 -4.88 30.06 3.79
C THR A 112 -3.44 29.66 3.50
N ALA A 113 -2.53 29.82 4.46
CA ALA A 113 -1.14 29.45 4.28
C ALA A 113 -0.59 28.95 5.61
N SER A 114 0.21 27.89 5.55
CA SER A 114 0.77 27.25 6.72
C SER A 114 2.21 26.87 6.43
N PRO A 115 3.09 26.88 7.45
CA PRO A 115 4.50 26.51 7.22
C PRO A 115 4.72 25.04 6.89
N ALA A 116 5.97 24.68 6.66
CA ALA A 116 6.33 23.32 6.26
C ALA A 116 6.28 22.38 7.46
N PRO A 117 5.96 21.11 7.22
CA PRO A 117 5.94 20.14 8.32
C PRO A 117 7.33 19.75 8.76
N ILE A 118 7.41 19.28 10.01
CA ILE A 118 8.65 18.84 10.62
C ILE A 118 8.57 17.32 10.78
N PRO A 119 9.46 16.56 10.17
CA PRO A 119 9.46 15.11 10.35
C PRO A 119 10.04 14.76 11.72
N ALA A 120 10.07 13.46 12.02
CA ALA A 120 10.51 13.00 13.33
C ALA A 120 12.00 13.24 13.58
N SER A 121 12.79 13.37 12.51
CA SER A 121 14.22 13.63 12.66
C SER A 121 14.54 15.05 13.07
N GLY A 122 13.61 15.99 12.88
CA GLY A 122 13.85 17.38 13.19
C GLY A 122 13.07 17.92 14.37
N LEU A 123 12.48 17.05 15.18
CA LEU A 123 11.58 17.50 16.25
C LEU A 123 12.34 18.15 17.39
N LEU A 124 13.49 17.60 17.79
CA LEU A 124 14.27 18.23 18.84
C LEU A 124 14.98 19.48 18.36
N SER A 125 15.15 19.65 17.06
CA SER A 125 15.67 20.91 16.53
C SER A 125 14.58 21.96 16.43
N PHE A 126 13.32 21.55 16.29
CA PHE A 126 12.22 22.52 16.33
C PHE A 126 12.04 23.12 17.72
N ALA A 127 12.38 22.37 18.76
CA ALA A 127 11.98 22.71 20.12
C ALA A 127 12.92 23.70 20.80
N ARG A 128 13.75 24.42 20.06
CA ARG A 128 14.65 25.41 20.64
C ARG A 128 14.96 26.54 19.66
N ASP A 139 13.08 25.21 27.29
CA ASP A 139 13.54 24.91 25.94
C ASP A 139 14.91 25.52 25.67
N LEU A 140 15.61 25.88 26.75
CA LEU A 140 16.90 26.55 26.63
C LEU A 140 18.00 25.58 26.24
N ASP A 141 18.25 24.58 27.07
CA ASP A 141 19.38 23.66 26.90
C ASP A 141 18.82 22.23 26.80
N LEU A 142 18.50 21.80 25.58
CA LEU A 142 18.02 20.46 25.31
C LEU A 142 19.14 19.53 24.84
N GLY A 143 20.36 19.78 25.29
CA GLY A 143 21.50 18.98 24.86
C GLY A 143 21.56 17.60 25.48
N HIS A 144 20.75 17.32 26.51
CA HIS A 144 20.74 16.00 27.11
C HIS A 144 19.81 15.05 26.36
N LEU A 145 18.81 15.58 25.66
CA LEU A 145 17.91 14.74 24.88
C LEU A 145 18.45 14.44 23.49
N ASP A 146 19.40 15.23 23.00
CA ASP A 146 19.99 15.04 21.68
C ASP A 146 21.50 15.04 21.85
N ALA A 147 22.05 13.89 22.23
CA ALA A 147 23.46 13.78 22.55
C ALA A 147 23.99 12.45 22.04
N ASP A 148 25.27 12.44 21.71
CA ASP A 148 25.91 11.21 21.26
C ASP A 148 26.13 10.27 22.43
N LEU A 149 25.59 9.08 22.34
CA LEU A 149 25.74 8.09 23.38
C LEU A 149 27.14 7.48 23.36
N PRO A 150 27.62 6.98 24.50
CA PRO A 150 28.82 6.14 24.51
C PRO A 150 28.59 4.85 23.73
N PRO A 151 29.65 4.15 23.34
CA PRO A 151 29.45 2.93 22.54
C PRO A 151 28.78 1.79 23.31
N ARG A 152 29.05 1.65 24.61
CA ARG A 152 28.33 0.69 25.42
C ARG A 152 26.84 1.00 25.48
N ALA A 153 26.49 2.29 25.53
CA ALA A 153 25.10 2.70 25.43
C ALA A 153 24.49 2.36 24.08
N GLN A 154 25.30 2.29 23.03
CA GLN A 154 24.73 1.91 21.73
C GLN A 154 24.49 0.41 21.65
N ALA A 155 25.35 -0.39 22.27
CA ALA A 155 25.10 -1.82 22.36
C ALA A 155 23.85 -2.11 23.18
N TYR A 156 23.64 -1.34 24.24
CA TYR A 156 22.42 -1.48 25.03
C TYR A 156 21.20 -0.90 24.33
N LEU A 157 21.37 0.04 23.42
CA LEU A 157 20.24 0.58 22.67
C LEU A 157 19.77 -0.38 21.60
N ALA A 158 20.69 -1.19 21.08
CA ALA A 158 20.32 -2.26 20.16
C ALA A 158 19.37 -3.26 20.81
N LEU A 159 19.48 -3.46 22.13
CA LEU A 159 18.53 -4.25 22.89
C LEU A 159 17.11 -3.72 22.74
N ILE A 160 16.92 -2.43 22.93
CA ILE A 160 15.60 -1.82 22.84
C ILE A 160 15.09 -1.84 21.41
N THR A 161 15.93 -1.41 20.46
CA THR A 161 15.45 -1.26 19.09
C THR A 161 15.27 -2.59 18.37
N HIS A 162 15.83 -3.69 18.86
CA HIS A 162 15.59 -4.95 18.19
C HIS A 162 14.88 -5.98 19.08
N SER A 163 15.41 -6.28 20.27
CA SER A 163 14.89 -7.39 21.04
C SER A 163 13.53 -7.07 21.66
N LEU A 164 13.28 -5.81 21.98
CA LEU A 164 11.98 -5.41 22.51
C LEU A 164 11.01 -4.96 21.43
N ARG A 165 11.50 -4.37 20.33
CA ARG A 165 10.61 -4.04 19.22
C ARG A 165 10.03 -5.29 18.58
N ASN A 166 10.86 -6.33 18.37
CA ASN A 166 10.34 -7.55 17.78
C ASN A 166 9.40 -8.27 18.72
N ALA A 167 9.61 -8.15 20.04
CA ALA A 167 8.70 -8.75 20.99
C ALA A 167 7.36 -8.04 20.99
N TRP A 168 7.37 -6.70 20.92
CA TRP A 168 6.13 -5.94 20.81
C TRP A 168 5.36 -6.30 19.55
N LEU A 169 6.07 -6.42 18.43
CA LEU A 169 5.42 -6.72 17.17
C LEU A 169 4.87 -8.13 17.12
N CYS A 170 5.63 -9.12 17.62
CA CYS A 170 5.15 -10.49 17.63
C CYS A 170 3.99 -10.68 18.57
N ALA A 171 4.07 -10.10 19.78
CA ALA A 171 2.99 -10.30 20.73
C ALA A 171 1.76 -9.47 20.42
N LEU A 172 1.89 -8.35 19.72
CA LEU A 172 0.69 -7.60 19.40
C LEU A 172 0.04 -8.10 18.12
N TYR A 173 0.81 -8.16 17.04
CA TYR A 173 0.20 -8.38 15.73
C TYR A 173 -0.08 -9.83 15.42
N LEU A 174 0.66 -10.76 16.03
CA LEU A 174 0.51 -12.16 15.67
C LEU A 174 -0.12 -13.01 16.76
N ASP A 175 -0.19 -12.55 17.98
CA ASP A 175 -0.85 -13.33 19.03
C ASP A 175 -2.37 -13.18 18.89
N PRO A 176 -3.12 -14.29 18.84
CA PRO A 176 -4.59 -14.17 18.74
C PRO A 176 -5.28 -13.69 20.01
N THR A 177 -4.55 -13.55 21.12
CA THR A 177 -5.14 -12.98 22.33
C THR A 177 -5.39 -11.48 22.16
N HIS A 178 -4.46 -10.79 21.49
CA HIS A 178 -4.51 -9.35 21.33
C HIS A 178 -5.15 -8.93 20.02
N ASP A 179 -6.05 -9.77 19.49
CA ASP A 179 -6.71 -9.48 18.23
C ASP A 179 -7.76 -8.40 18.41
N ALA A 180 -8.53 -8.45 19.50
CA ALA A 180 -9.53 -7.42 19.75
C ALA A 180 -8.90 -6.07 20.05
N LEU A 181 -7.79 -6.08 20.80
CA LEU A 181 -7.02 -4.86 21.03
C LEU A 181 -6.44 -4.33 19.73
N LEU A 182 -5.96 -5.22 18.86
CA LEU A 182 -5.39 -4.79 17.59
C LEU A 182 -6.44 -4.15 16.68
N ARG A 183 -7.63 -4.75 16.61
CA ARG A 183 -8.73 -4.17 15.84
C ARG A 183 -9.15 -2.82 16.40
N ARG A 184 -9.27 -2.74 17.73
CA ARG A 184 -9.69 -1.50 18.39
C ARG A 184 -8.69 -0.38 18.16
N LEU A 185 -7.40 -0.69 18.19
CA LEU A 185 -6.40 0.35 18.10
C LEU A 185 -6.08 0.75 16.67
N TYR A 186 -6.15 -0.16 15.71
CA TYR A 186 -5.65 0.20 14.38
C TYR A 186 -6.68 0.07 13.27
N VAL A 187 -7.68 -0.77 13.40
CA VAL A 187 -8.51 -1.16 12.26
C VAL A 187 -9.90 -0.55 12.33
N ASP A 188 -10.49 -0.52 13.53
CA ASP A 188 -11.82 0.05 13.69
C ASP A 188 -11.90 1.57 13.55
N PRO A 189 -10.89 2.39 13.92
CA PRO A 189 -10.96 3.80 13.53
C PRO A 189 -10.72 4.06 12.04
N ALA A 190 -10.17 3.11 11.29
CA ALA A 190 -9.80 3.39 9.91
C ALA A 190 -11.02 3.50 9.00
N SER A 191 -12.00 2.61 9.19
CA SER A 191 -13.28 2.66 8.46
C SER A 191 -14.29 1.82 9.23
N SER A 192 -15.50 1.75 8.68
CA SER A 192 -16.58 0.97 9.28
C SER A 192 -17.04 -0.18 8.40
N SER A 193 -16.38 -0.44 7.28
CA SER A 193 -16.75 -1.52 6.39
C SER A 193 -15.89 -2.73 6.68
N ARG A 194 -16.52 -3.90 6.74
CA ARG A 194 -15.83 -5.11 7.18
C ARG A 194 -14.82 -5.61 6.16
N ALA A 195 -15.04 -5.33 4.88
CA ALA A 195 -14.10 -5.76 3.85
C ALA A 195 -12.83 -4.94 3.92
N VAL A 196 -12.97 -3.62 4.05
CA VAL A 196 -11.81 -2.73 4.20
C VAL A 196 -11.10 -3.00 5.51
N ARG A 197 -11.86 -3.27 6.58
CA ARG A 197 -11.29 -3.59 7.87
C ARG A 197 -10.47 -4.87 7.83
N ALA A 198 -11.01 -5.91 7.18
CA ALA A 198 -10.30 -7.18 7.07
C ALA A 198 -9.06 -7.05 6.20
N ALA A 199 -9.13 -6.27 5.12
CA ALA A 199 -7.97 -6.10 4.26
C ALA A 199 -6.88 -5.29 4.94
N LEU A 200 -7.25 -4.28 5.72
CA LEU A 200 -6.24 -3.48 6.43
C LEU A 200 -5.58 -4.28 7.54
N LEU A 201 -6.36 -5.11 8.25
CA LEU A 201 -5.79 -5.98 9.27
C LEU A 201 -4.83 -7.01 8.66
N HIS A 202 -5.17 -7.51 7.47
CA HIS A 202 -4.26 -8.42 6.77
C HIS A 202 -2.95 -7.75 6.36
N GLN A 203 -3.02 -6.51 5.85
CA GLN A 203 -1.79 -5.80 5.49
C GLN A 203 -0.95 -5.47 6.71
N LEU A 204 -1.59 -5.16 7.84
CA LEU A 204 -0.86 -4.90 9.08
C LEU A 204 -0.10 -6.13 9.56
N ARG A 205 -0.78 -7.28 9.56
CA ARG A 205 -0.15 -8.51 10.01
C ARG A 205 0.96 -8.96 9.06
N ARG A 206 0.76 -8.77 7.76
CA ARG A 206 1.79 -9.11 6.78
C ARG A 206 3.03 -8.24 6.96
N ALA A 207 2.84 -6.94 7.20
CA ALA A 207 3.96 -6.03 7.40
C ALA A 207 4.73 -6.35 8.68
N ALA A 208 4.02 -6.66 9.77
CA ALA A 208 4.69 -6.97 11.03
C ALA A 208 5.43 -8.30 10.97
N ALA A 209 4.84 -9.30 10.32
CA ALA A 209 5.52 -10.58 10.15
C ALA A 209 6.72 -10.46 9.24
N GLU A 210 6.69 -9.52 8.28
CA GLU A 210 7.89 -9.21 7.52
C GLU A 210 8.97 -8.59 8.40
N GLN A 211 8.57 -7.73 9.34
CA GLN A 211 9.55 -7.05 10.18
C GLN A 211 10.23 -8.01 11.16
N VAL A 212 9.46 -8.92 11.76
CA VAL A 212 10.05 -9.79 12.78
C VAL A 212 10.97 -10.84 12.14
N ALA A 213 10.64 -11.31 10.94
CA ALA A 213 11.43 -12.34 10.28
C ALA A 213 12.70 -11.82 9.63
N THR A 214 12.99 -10.52 9.72
CA THR A 214 14.25 -10.00 9.21
C THR A 214 15.33 -10.01 10.29
N ALA A 215 15.03 -9.44 11.46
CA ALA A 215 15.96 -9.47 12.57
C ALA A 215 15.99 -10.86 13.19
N SER A 216 17.20 -11.38 13.42
CA SER A 216 17.46 -12.82 13.52
C SER A 216 17.48 -13.34 14.93
N SER A 217 16.61 -12.86 15.82
CA SER A 217 16.38 -13.56 17.08
C SER A 217 15.76 -14.92 16.81
N GLY A 218 14.59 -14.93 16.19
CA GLY A 218 13.93 -16.15 15.81
C GLY A 218 13.28 -16.11 14.44
N GLY A 219 13.86 -15.39 13.47
CA GLY A 219 13.19 -15.27 12.20
C GLY A 219 13.98 -15.42 10.92
N GLY A 220 15.30 -15.56 10.97
CA GLY A 220 16.10 -15.46 9.76
C GLY A 220 16.11 -16.64 8.80
N LYS A 221 14.93 -17.08 8.36
CA LYS A 221 14.82 -18.22 7.47
C LYS A 221 15.00 -17.82 6.02
N ILE A 222 15.37 -18.79 5.19
CA ILE A 222 15.53 -18.61 3.75
C ILE A 222 14.66 -19.66 3.08
N VAL A 223 13.55 -19.23 2.50
CA VAL A 223 12.58 -20.14 1.89
C VAL A 223 12.51 -19.95 0.38
N SER A 224 12.65 -18.73 -0.10
CA SER A 224 12.56 -18.41 -1.53
C SER A 224 13.20 -17.04 -1.73
N LEU A 225 13.00 -16.48 -2.93
CA LEU A 225 13.56 -15.17 -3.24
C LEU A 225 12.75 -14.01 -2.66
N ALA A 226 11.60 -14.29 -2.07
CA ALA A 226 10.71 -13.32 -1.47
C ALA A 226 10.78 -13.40 0.05
N PRO A 227 10.62 -12.30 0.77
CA PRO A 227 10.80 -12.32 2.22
C PRO A 227 9.67 -13.06 2.92
N VAL A 228 9.99 -13.57 4.10
CA VAL A 228 9.01 -14.27 4.92
C VAL A 228 8.02 -13.25 5.48
N ASP A 229 6.74 -13.44 5.18
CA ASP A 229 5.70 -12.49 5.56
C ASP A 229 4.58 -13.16 6.36
N SER A 230 4.82 -14.34 6.89
CA SER A 230 3.85 -15.04 7.70
C SER A 230 4.45 -15.34 9.07
N ALA A 231 3.59 -15.77 9.99
CA ALA A 231 4.03 -16.16 11.32
C ALA A 231 4.63 -17.55 11.36
N ASP A 232 4.67 -18.26 10.24
CA ASP A 232 5.25 -19.58 10.20
C ASP A 232 6.76 -19.56 9.95
N GLY A 233 7.30 -18.42 9.54
CA GLY A 233 8.73 -18.31 9.38
C GLY A 233 9.35 -17.55 10.53
N ILE A 234 8.68 -17.59 11.68
CA ILE A 234 9.15 -16.98 12.92
C ILE A 234 9.14 -18.07 13.97
N ASP A 235 10.27 -18.27 14.64
CA ASP A 235 10.31 -19.05 15.87
C ASP A 235 10.06 -18.08 17.01
N GLU A 236 8.86 -18.10 17.55
CA GLU A 236 8.45 -17.10 18.53
C GLU A 236 8.75 -17.51 19.97
N GLU A 237 9.57 -18.53 20.18
CA GLU A 237 10.17 -18.78 21.47
C GLU A 237 11.53 -18.12 21.60
N ALA A 238 12.25 -18.00 20.48
CA ALA A 238 13.49 -17.24 20.50
C ALA A 238 13.23 -15.75 20.65
N VAL A 239 12.13 -15.26 20.07
CA VAL A 239 11.73 -13.87 20.25
C VAL A 239 11.37 -13.60 21.71
N TYR A 240 10.66 -14.54 22.34
CA TYR A 240 10.30 -14.41 23.74
C TYR A 240 11.51 -14.45 24.65
N ARG A 241 12.42 -15.41 24.42
CA ARG A 241 13.59 -15.55 25.26
C ARG A 241 14.55 -14.38 25.09
N SER A 242 14.65 -13.83 23.88
CA SER A 242 15.46 -12.65 23.68
C SER A 242 14.86 -11.43 24.36
N ALA A 243 13.53 -11.33 24.41
CA ALA A 243 12.89 -10.25 25.17
C ALA A 243 13.16 -10.38 26.66
N ARG A 244 13.11 -11.59 27.18
CA ARG A 244 13.37 -11.83 28.59
C ARG A 244 14.81 -11.48 28.97
N ASP A 245 15.77 -11.88 28.12
CA ASP A 245 17.17 -11.54 28.36
C ASP A 245 17.43 -10.05 28.19
N ALA A 246 16.74 -9.40 27.25
CA ALA A 246 16.86 -7.96 27.05
C ALA A 246 16.39 -7.20 28.28
N LEU A 247 15.27 -7.62 28.85
CA LEU A 247 14.74 -6.94 30.03
C LEU A 247 15.64 -7.14 31.24
N ASP A 248 16.21 -8.34 31.41
CA ASP A 248 17.11 -8.55 32.54
C ASP A 248 18.41 -7.76 32.39
N ALA A 249 18.95 -7.66 31.17
CA ALA A 249 20.16 -6.87 30.95
C ALA A 249 19.92 -5.39 31.15
N LEU A 250 18.77 -4.88 30.70
CA LEU A 250 18.45 -3.48 30.92
C LEU A 250 18.19 -3.19 32.39
N ALA A 251 17.66 -4.15 33.14
CA ALA A 251 17.50 -3.96 34.58
C ALA A 251 18.84 -3.93 35.30
N SER A 252 19.81 -4.74 34.85
CA SER A 252 21.15 -4.66 35.42
C SER A 252 21.83 -3.32 35.13
N LEU A 253 21.67 -2.83 33.90
CA LEU A 253 22.23 -1.52 33.54
C LEU A 253 21.60 -0.39 34.35
N LEU A 254 20.30 -0.49 34.65
CA LEU A 254 19.69 0.55 35.47
C LEU A 254 20.10 0.44 36.93
N ARG A 255 20.40 -0.77 37.40
CA ARG A 255 20.91 -0.92 38.76
C ARG A 255 22.31 -0.33 38.90
N GLU A 256 23.08 -0.28 37.80
CA GLU A 256 24.41 0.31 37.85
C GLU A 256 24.43 1.82 38.07
N SER A 257 23.32 2.52 37.82
CA SER A 257 23.40 3.96 37.53
C SER A 257 23.43 4.82 38.79
N GLU A 258 22.59 4.50 39.78
CA GLU A 258 22.57 5.13 41.11
C GLU A 258 22.16 6.61 41.10
N THR A 259 21.57 7.13 40.01
CA THR A 259 20.86 8.40 40.05
C THR A 259 19.53 8.35 39.31
N ALA A 260 18.88 7.18 39.30
CA ALA A 260 17.49 6.93 38.90
C ALA A 260 17.19 7.06 37.41
N TRP A 261 18.13 7.57 36.62
CA TRP A 261 18.02 7.52 35.18
C TRP A 261 19.28 6.84 34.67
N PHE A 262 19.27 6.49 33.39
CA PHE A 262 20.36 5.69 32.84
C PHE A 262 21.65 6.48 32.75
N PHE A 263 22.77 5.78 33.02
CA PHE A 263 24.15 6.29 32.98
C PHE A 263 24.39 7.41 33.99
N GLY A 264 23.60 7.43 35.07
CA GLY A 264 23.84 8.36 36.15
C GLY A 264 23.54 9.80 35.83
N THR A 265 22.57 10.07 34.96
CA THR A 265 22.20 11.43 34.63
C THR A 265 21.24 11.98 35.68
N GLU A 266 21.13 13.30 35.73
CA GLU A 266 20.20 13.96 36.64
C GLU A 266 18.87 14.29 35.97
N ARG A 267 18.79 14.23 34.65
CA ARG A 267 17.58 14.44 33.88
C ARG A 267 17.53 13.35 32.81
N PRO A 268 16.33 12.88 32.45
CA PRO A 268 16.24 11.81 31.46
C PRO A 268 16.62 12.26 30.06
N GLY A 269 17.11 11.30 29.27
CA GLY A 269 17.54 11.57 27.92
C GLY A 269 16.76 10.81 26.89
N SER A 270 17.35 10.54 25.73
CA SER A 270 16.65 9.80 24.69
C SER A 270 16.65 8.31 24.95
N PHE A 271 17.61 7.80 25.72
CA PHE A 271 17.60 6.40 26.13
C PHE A 271 16.42 6.09 27.03
N ASP A 272 16.11 7.03 27.93
CA ASP A 272 15.01 6.87 28.87
C ASP A 272 13.67 6.90 28.15
N ALA A 273 13.50 7.82 27.20
CA ALA A 273 12.27 7.84 26.41
C ALA A 273 12.15 6.63 25.50
N ALA A 274 13.28 6.12 25.00
CA ALA A 274 13.26 4.94 24.15
C ALA A 274 12.87 3.68 24.91
N LEU A 275 13.35 3.53 26.15
CA LEU A 275 12.93 2.37 26.92
C LEU A 275 11.52 2.53 27.46
N PHE A 276 11.16 3.73 27.89
CA PHE A 276 9.82 3.99 28.43
C PHE A 276 8.74 3.78 27.38
N SER A 277 9.03 4.07 26.10
CA SER A 277 8.06 3.88 25.04
C SER A 277 7.63 2.42 24.86
N TYR A 278 8.44 1.46 25.29
CA TYR A 278 8.03 0.06 25.28
C TYR A 278 7.54 -0.44 26.62
N THR A 279 8.21 -0.04 27.71
CA THR A 279 7.82 -0.55 29.02
C THR A 279 6.46 -0.03 29.46
N HIS A 280 6.10 1.19 29.06
CA HIS A 280 4.79 1.72 29.42
C HIS A 280 3.67 0.98 28.71
N LEU A 281 3.81 0.75 27.41
CA LEU A 281 2.76 0.07 26.67
C LEU A 281 2.69 -1.41 26.98
N MET A 282 3.79 -2.01 27.42
CA MET A 282 3.71 -3.40 27.89
C MET A 282 2.99 -3.49 29.22
N VAL A 283 3.23 -2.57 30.16
CA VAL A 283 2.48 -2.61 31.40
C VAL A 283 1.01 -2.21 31.18
N GLU A 284 0.74 -1.34 30.20
CA GLU A 284 -0.63 -0.93 29.94
C GLU A 284 -1.43 -2.01 29.24
N TYR A 285 -1.02 -2.39 28.02
CA TYR A 285 -1.85 -3.22 27.17
C TYR A 285 -1.52 -4.70 27.23
N MET A 286 -0.43 -5.08 27.88
CA MET A 286 0.03 -6.47 27.87
C MET A 286 0.29 -6.99 29.26
N SER A 287 -0.42 -6.49 30.26
CA SER A 287 -0.33 -7.02 31.62
C SER A 287 -1.69 -7.59 31.96
N GLU A 288 -1.84 -8.89 31.74
CA GLU A 288 -3.11 -9.58 31.90
C GLU A 288 -3.17 -10.26 33.27
N GLU A 289 -4.27 -10.98 33.50
CA GLU A 289 -4.59 -11.68 34.75
C GLU A 289 -4.55 -10.77 35.98
N THR A 292 -4.69 -17.20 31.95
CA THR A 292 -4.12 -17.19 30.62
C THR A 292 -2.64 -17.55 30.66
N GLU A 293 -1.94 -17.04 31.67
CA GLU A 293 -0.53 -17.36 31.87
C GLU A 293 -0.32 -18.71 32.57
N SER A 294 -1.39 -19.38 32.99
CA SER A 294 -1.29 -20.67 33.64
C SER A 294 -1.61 -21.84 32.71
N ALA A 295 -2.20 -21.58 31.55
CA ALA A 295 -2.54 -22.62 30.60
C ALA A 295 -1.60 -22.67 29.40
N LYS A 296 -0.72 -21.70 29.24
CA LYS A 296 0.22 -21.65 28.12
C LYS A 296 1.67 -21.57 28.57
N GLY A 297 1.93 -21.55 29.87
CA GLY A 297 3.19 -20.99 30.33
C GLY A 297 3.19 -19.52 29.99
N ARG A 298 4.35 -19.00 29.56
CA ARG A 298 4.48 -17.73 28.84
C ARG A 298 3.94 -16.54 29.64
N VAL A 299 4.67 -16.20 30.70
CA VAL A 299 4.52 -14.94 31.42
C VAL A 299 4.49 -13.79 30.41
N SER A 300 3.49 -12.92 30.50
CA SER A 300 3.26 -11.91 29.47
C SER A 300 4.30 -10.79 29.57
N LEU A 301 4.21 -9.85 28.64
CA LEU A 301 5.26 -8.85 28.51
C LEU A 301 5.21 -7.79 29.60
N GLY A 302 4.01 -7.43 30.07
CA GLY A 302 3.92 -6.50 31.18
C GLY A 302 4.37 -7.10 32.49
N ARG A 303 4.11 -8.39 32.70
CA ARG A 303 4.59 -9.05 33.90
C ARG A 303 6.08 -9.29 33.82
N MET A 304 6.62 -9.46 32.62
CA MET A 304 8.06 -9.56 32.45
C MET A 304 8.75 -8.22 32.68
N VAL A 305 8.08 -7.11 32.37
CA VAL A 305 8.61 -5.80 32.71
C VAL A 305 8.55 -5.57 34.21
N LYS A 306 7.42 -5.91 34.83
CA LYS A 306 7.26 -5.71 36.26
C LYS A 306 8.12 -6.63 37.10
N GLU A 307 8.61 -7.74 36.54
CA GLU A 307 9.42 -8.69 37.28
C GLU A 307 10.90 -8.65 36.95
N ALA A 308 11.31 -7.89 35.93
CA ALA A 308 12.70 -7.89 35.47
C ALA A 308 13.62 -7.29 36.51
N GLY A 309 14.62 -8.07 36.92
CA GLY A 309 15.57 -7.61 37.89
C GLY A 309 15.00 -7.63 39.29
N ASN A 310 14.79 -6.44 39.87
CA ASN A 310 14.19 -6.29 41.18
C ASN A 310 13.10 -5.24 41.13
N GLY A 311 12.34 -5.20 40.05
CA GLY A 311 11.43 -4.10 39.83
C GLY A 311 12.13 -2.80 39.52
N GLU A 312 13.27 -2.86 38.85
CA GLU A 312 13.99 -1.65 38.50
C GLU A 312 13.29 -0.88 37.39
N LEU A 313 12.53 -1.57 36.54
CA LEU A 313 11.96 -0.96 35.36
C LEU A 313 10.53 -0.50 35.54
N ALA A 314 9.77 -1.13 36.43
CA ALA A 314 8.44 -0.62 36.76
C ALA A 314 8.55 0.66 37.58
N GLU A 315 9.55 0.73 38.47
CA GLU A 315 9.84 1.95 39.20
C GLU A 315 10.30 3.06 38.28
N HIS A 316 11.11 2.73 37.28
CA HIS A 316 11.53 3.70 36.27
C HIS A 316 10.36 4.18 35.44
N ARG A 317 9.41 3.30 35.14
CA ARG A 317 8.22 3.70 34.40
C ARG A 317 7.35 4.64 35.21
N GLU A 318 7.22 4.40 36.51
CA GLU A 318 6.47 5.33 37.37
C GLU A 318 7.19 6.66 37.54
N ARG A 319 8.53 6.64 37.62
CA ARG A 319 9.29 7.88 37.74
C ARG A 319 9.30 8.67 36.45
N MET A 320 9.17 7.99 35.31
CA MET A 320 9.14 8.67 34.02
C MET A 320 7.75 9.19 33.70
N LEU A 321 6.71 8.56 34.22
CA LEU A 321 5.39 9.17 34.13
C LEU A 321 5.27 10.35 35.08
N GLY A 322 5.82 10.25 36.28
CA GLY A 322 5.73 11.34 37.24
C GLY A 322 6.53 12.58 36.91
N VAL A 323 7.32 12.58 35.84
CA VAL A 323 8.06 13.73 35.40
C VAL A 323 7.45 14.36 34.15
N ALA A 324 7.05 13.53 33.18
CA ALA A 324 6.52 14.05 31.92
C ALA A 324 5.00 14.20 31.91
N TRP A 325 4.26 13.35 32.61
CA TRP A 325 2.81 13.49 32.77
C TRP A 325 2.50 13.55 34.27
N PRO A 326 2.77 14.68 34.93
CA PRO A 326 2.59 14.75 36.38
C PRO A 326 1.15 14.93 36.83
N GLU A 327 0.22 15.14 35.91
CA GLU A 327 -1.17 15.36 36.26
C GLU A 327 -2.04 14.13 36.05
N TRP A 328 -1.53 13.11 35.34
CA TRP A 328 -2.30 11.92 35.02
C TRP A 328 -2.12 10.90 36.13
N ASP A 329 -3.22 10.49 36.75
CA ASP A 329 -3.24 9.32 37.62
C ASP A 329 -4.30 8.39 37.04
N GLY A 330 -3.91 7.63 36.02
CA GLY A 330 -4.81 6.72 35.38
C GLY A 330 -4.09 5.52 34.80
N TYR A 331 -2.85 5.34 35.20
CA TYR A 331 -1.98 4.36 34.59
C TYR A 331 -2.10 3.03 35.34
N ARG A 332 -1.11 2.14 35.10
CA ARG A 332 -0.92 0.74 35.51
C ARG A 332 -1.80 -0.22 34.72
N ARG A 333 -2.75 0.25 33.91
CA ARG A 333 -3.54 -0.61 33.03
C ARG A 333 -4.22 0.23 31.94
N SER B 47 -44.39 -14.95 -44.36
CA SER B 47 -44.62 -16.39 -44.46
C SER B 47 -43.47 -17.18 -43.82
N THR B 48 -42.67 -17.85 -44.66
CA THR B 48 -41.62 -18.74 -44.20
C THR B 48 -40.29 -17.99 -44.19
N LEU B 49 -39.71 -17.81 -43.01
CA LEU B 49 -38.54 -16.96 -42.83
C LEU B 49 -37.33 -17.81 -42.46
N GLU B 50 -36.24 -17.61 -43.19
CA GLU B 50 -34.98 -18.32 -42.97
C GLU B 50 -33.89 -17.30 -42.67
N VAL B 51 -33.14 -17.53 -41.60
CA VAL B 51 -32.02 -16.67 -41.25
C VAL B 51 -30.76 -17.53 -41.26
N HIS B 52 -29.91 -17.34 -42.24
CA HIS B 52 -28.70 -18.13 -42.38
C HIS B 52 -27.52 -17.41 -41.75
N GLY B 53 -26.50 -18.19 -41.40
CA GLY B 53 -25.22 -17.64 -41.02
C GLY B 53 -25.13 -17.05 -39.64
N ALA B 54 -25.98 -17.45 -38.72
CA ALA B 54 -25.93 -16.98 -37.34
C ALA B 54 -25.81 -18.20 -36.44
N THR B 55 -24.58 -18.61 -36.14
CA THR B 55 -24.35 -19.86 -35.45
C THR B 55 -24.04 -19.69 -33.96
N ASN B 56 -23.49 -18.56 -33.55
CA ASN B 56 -23.25 -18.33 -32.13
C ASN B 56 -24.32 -17.46 -31.51
N THR B 57 -25.55 -17.58 -31.99
CA THR B 57 -26.71 -16.91 -31.41
C THR B 57 -27.74 -17.96 -31.02
N ARG B 58 -28.36 -17.78 -29.87
CA ARG B 58 -29.40 -18.71 -29.45
C ARG B 58 -30.65 -18.51 -30.28
N ARG B 59 -31.47 -19.57 -30.34
CA ARG B 59 -32.81 -19.47 -30.94
C ARG B 59 -33.86 -19.06 -29.91
N SER B 60 -33.47 -18.30 -28.92
CA SER B 60 -34.37 -17.50 -28.11
C SER B 60 -34.16 -16.02 -28.33
N LEU B 61 -32.89 -15.60 -28.45
CA LEU B 61 -32.57 -14.20 -28.65
C LEU B 61 -33.06 -13.69 -30.00
N LEU B 62 -32.96 -14.51 -31.04
CA LEU B 62 -33.53 -14.14 -32.33
C LEU B 62 -34.82 -14.89 -32.62
N ASP B 63 -35.43 -15.47 -31.60
CA ASP B 63 -36.82 -15.88 -31.69
C ASP B 63 -37.75 -14.87 -31.05
N GLN B 64 -37.24 -14.05 -30.12
CA GLN B 64 -38.02 -12.92 -29.64
C GLN B 64 -38.22 -11.85 -30.70
N ILE B 65 -37.44 -11.87 -31.77
CA ILE B 65 -37.48 -10.84 -32.80
C ILE B 65 -38.39 -11.24 -33.97
N PHE B 66 -38.26 -12.46 -34.47
CA PHE B 66 -38.95 -12.84 -35.70
C PHE B 66 -40.23 -13.65 -35.48
N LYS B 67 -40.53 -14.06 -34.26
CA LYS B 67 -41.83 -14.66 -33.96
C LYS B 67 -42.95 -13.61 -33.83
N PRO B 68 -42.72 -12.39 -33.31
CA PRO B 68 -43.71 -11.33 -33.56
C PRO B 68 -43.96 -11.02 -35.03
N VAL B 69 -42.98 -11.25 -35.91
CA VAL B 69 -43.12 -10.86 -37.31
C VAL B 69 -44.10 -11.79 -38.03
N LEU B 70 -44.05 -13.09 -37.72
CA LEU B 70 -44.88 -14.04 -38.45
C LEU B 70 -46.34 -14.03 -38.03
N GLU B 71 -46.72 -13.23 -37.02
CA GLU B 71 -48.12 -13.10 -36.62
C GLU B 71 -48.79 -12.06 -37.50
N ASP B 72 -49.02 -12.45 -38.75
CA ASP B 72 -49.56 -11.59 -39.79
C ASP B 72 -50.65 -12.31 -40.57
N THR B 73 -51.59 -12.93 -39.85
CA THR B 73 -52.69 -13.62 -40.49
C THR B 73 -53.96 -12.77 -40.46
N THR B 78 -51.66 -7.50 -51.11
CA THR B 78 -52.24 -7.84 -49.82
C THR B 78 -51.39 -7.29 -48.67
N THR B 79 -51.39 -5.95 -48.57
CA THR B 79 -50.63 -5.19 -47.58
C THR B 79 -49.15 -5.54 -47.60
N LEU B 80 -48.55 -5.44 -48.79
CA LEU B 80 -47.15 -5.79 -48.97
C LEU B 80 -46.22 -4.78 -48.32
N GLY B 81 -46.62 -3.50 -48.30
CA GLY B 81 -45.81 -2.47 -47.67
C GLY B 81 -45.69 -2.63 -46.17
N GLN B 82 -46.76 -3.10 -45.52
CA GLN B 82 -46.70 -3.35 -44.08
C GLN B 82 -45.79 -4.52 -43.77
N VAL B 83 -45.80 -5.55 -44.62
CA VAL B 83 -44.91 -6.70 -44.45
C VAL B 83 -43.46 -6.27 -44.60
N LEU B 84 -43.18 -5.48 -45.64
CA LEU B 84 -41.80 -5.02 -45.86
C LEU B 84 -41.34 -4.07 -44.76
N ASP B 85 -42.24 -3.24 -44.23
CA ASP B 85 -41.88 -2.34 -43.15
C ASP B 85 -41.64 -3.09 -41.85
N ARG B 86 -42.41 -4.15 -41.60
CA ARG B 86 -42.21 -4.94 -40.38
C ARG B 86 -40.91 -5.75 -40.47
N VAL B 87 -40.59 -6.26 -41.66
CA VAL B 87 -39.33 -6.97 -41.86
C VAL B 87 -38.14 -6.01 -41.71
N GLY B 88 -38.26 -4.80 -42.24
CA GLY B 88 -37.21 -3.81 -42.07
C GLY B 88 -37.05 -3.34 -40.64
N ALA B 89 -38.16 -3.24 -39.91
CA ALA B 89 -38.10 -2.88 -38.50
C ALA B 89 -37.44 -3.97 -37.67
N ALA B 90 -37.74 -5.24 -37.98
CA ALA B 90 -37.10 -6.34 -37.28
C ALA B 90 -35.62 -6.42 -37.61
N THR B 91 -35.24 -6.12 -38.86
CA THR B 91 -33.84 -6.14 -39.24
C THR B 91 -33.06 -4.99 -38.61
N LYS B 92 -33.70 -3.83 -38.45
CA LYS B 92 -33.05 -2.73 -37.75
C LYS B 92 -32.98 -2.97 -36.24
N LYS B 93 -33.93 -3.73 -35.69
CA LYS B 93 -33.82 -4.13 -34.29
C LYS B 93 -32.73 -5.17 -34.09
N LEU B 94 -32.52 -6.03 -35.08
CA LEU B 94 -31.51 -7.09 -34.97
C LEU B 94 -30.10 -6.52 -34.96
N ALA B 95 -29.86 -5.44 -35.70
CA ALA B 95 -28.55 -4.81 -35.72
C ALA B 95 -28.29 -3.96 -34.48
N ARG B 96 -29.30 -3.73 -33.63
CA ARG B 96 -29.07 -3.01 -32.38
C ARG B 96 -28.27 -3.83 -31.39
N PHE B 97 -28.37 -5.16 -31.47
CA PHE B 97 -27.37 -6.01 -30.82
C PHE B 97 -26.05 -5.87 -31.58
N ASP B 98 -24.99 -5.57 -30.84
CA ASP B 98 -23.69 -5.31 -31.47
C ASP B 98 -22.89 -6.61 -31.64
N ILE B 99 -23.47 -7.53 -32.42
CA ILE B 99 -22.88 -8.85 -32.59
C ILE B 99 -22.75 -9.20 -34.06
N PHE B 100 -23.26 -8.34 -34.94
CA PHE B 100 -23.23 -8.61 -36.37
C PHE B 100 -22.44 -7.55 -37.12
N LYS B 101 -21.91 -7.94 -38.27
CA LYS B 101 -21.25 -7.01 -39.17
C LYS B 101 -22.28 -6.34 -40.06
N GLU B 102 -22.08 -5.03 -40.29
CA GLU B 102 -23.03 -4.24 -41.06
C GLU B 102 -23.06 -4.59 -42.54
N GLU B 103 -22.04 -5.29 -43.04
CA GLU B 103 -21.96 -5.66 -44.44
C GLU B 103 -22.61 -7.00 -44.74
N GLY B 104 -23.27 -7.62 -43.77
CA GLY B 104 -23.83 -8.94 -43.98
C GLY B 104 -25.33 -8.97 -44.22
N PHE B 105 -26.03 -7.91 -43.83
CA PHE B 105 -27.49 -7.92 -43.80
C PHE B 105 -28.10 -7.91 -45.20
N GLY B 106 -28.35 -9.09 -45.74
CA GLY B 106 -29.01 -9.21 -47.03
C GLY B 106 -30.35 -9.88 -46.90
N VAL B 107 -31.43 -9.18 -47.26
CA VAL B 107 -32.77 -9.72 -47.13
C VAL B 107 -33.30 -10.05 -48.52
N PHE B 108 -33.06 -11.29 -48.96
CA PHE B 108 -33.36 -11.72 -50.32
C PHE B 108 -34.69 -12.45 -50.33
N LEU B 109 -35.74 -11.79 -50.82
CA LEU B 109 -37.07 -12.37 -50.84
C LEU B 109 -37.19 -13.42 -51.95
N SER B 110 -38.35 -14.05 -52.02
CA SER B 110 -38.62 -15.07 -53.04
C SER B 110 -40.11 -15.05 -53.34
N GLU B 111 -40.55 -16.08 -54.06
CA GLU B 111 -41.94 -16.29 -54.50
C GLU B 111 -42.53 -15.10 -55.25
N ASP B 127 -40.70 -17.48 -48.59
CA ASP B 127 -40.79 -16.04 -48.84
C ASP B 127 -39.50 -15.31 -48.51
N ILE B 128 -39.30 -15.04 -47.23
CA ILE B 128 -38.19 -14.22 -46.76
C ILE B 128 -36.98 -15.10 -46.55
N SER B 129 -35.79 -14.51 -46.67
CA SER B 129 -34.53 -15.22 -46.46
C SER B 129 -33.48 -14.19 -46.08
N ILE B 130 -33.09 -14.19 -44.81
CA ILE B 130 -32.18 -13.21 -44.26
C ILE B 130 -30.81 -13.83 -44.10
N ARG B 131 -29.76 -13.03 -44.25
CA ARG B 131 -28.40 -13.49 -44.07
C ARG B 131 -27.65 -12.49 -43.21
N VAL B 132 -26.69 -12.99 -42.43
CA VAL B 132 -25.86 -12.17 -41.58
C VAL B 132 -24.46 -12.77 -41.51
N LYS B 133 -23.51 -11.94 -41.10
CA LYS B 133 -22.15 -12.38 -40.84
C LYS B 133 -21.79 -11.97 -39.43
N GLU B 134 -21.51 -12.94 -38.58
CA GLU B 134 -21.20 -12.65 -37.19
C GLU B 134 -19.82 -12.04 -37.04
N LYS B 135 -19.68 -11.14 -36.07
CA LYS B 135 -18.36 -10.65 -35.70
C LYS B 135 -17.55 -11.77 -35.05
N SER B 136 -16.24 -11.59 -35.02
CA SER B 136 -15.38 -12.57 -34.37
C SER B 136 -15.52 -12.45 -32.86
N ARG B 137 -15.17 -13.54 -32.17
CA ARG B 137 -15.40 -13.58 -30.73
C ARG B 137 -14.36 -12.77 -29.96
N LEU B 138 -13.11 -13.20 -30.00
CA LEU B 138 -12.05 -12.55 -29.26
C LEU B 138 -11.47 -11.41 -30.08
N VAL B 139 -11.47 -10.22 -29.51
CA VAL B 139 -10.90 -9.04 -30.14
C VAL B 139 -9.90 -8.46 -29.15
N PHE B 140 -8.62 -8.74 -29.38
CA PHE B 140 -7.55 -8.05 -28.68
C PHE B 140 -7.24 -6.76 -29.41
N SER B 141 -6.99 -5.69 -28.65
CA SER B 141 -6.77 -4.39 -29.26
C SER B 141 -5.92 -3.53 -28.33
N ALA B 142 -5.21 -2.58 -28.92
CA ALA B 142 -4.36 -1.66 -28.19
C ALA B 142 -4.21 -0.39 -29.03
N GLY B 143 -3.83 0.69 -28.37
CA GLY B 143 -3.67 1.96 -29.06
C GLY B 143 -3.46 3.14 -28.15
N THR B 144 -4.14 4.25 -28.44
CA THR B 144 -4.04 5.47 -27.64
C THR B 144 -5.38 6.17 -27.64
N ASP B 145 -6.01 6.22 -26.47
CA ASP B 145 -7.31 6.85 -26.29
C ASP B 145 -7.12 8.29 -25.82
N PHE B 146 -8.22 9.05 -25.85
CA PHE B 146 -8.25 10.42 -25.36
C PHE B 146 -9.30 10.52 -24.26
N GLY B 147 -8.91 10.19 -23.03
CA GLY B 147 -9.79 10.29 -21.90
C GLY B 147 -9.66 11.62 -21.20
N ASN B 148 -9.78 12.70 -21.99
CA ASN B 148 -9.61 14.10 -21.57
C ASN B 148 -8.24 14.37 -20.96
N ALA B 149 -7.23 13.60 -21.36
CA ALA B 149 -5.85 13.79 -20.95
C ALA B 149 -4.96 13.90 -22.18
N GLU B 150 -3.67 14.08 -21.94
CA GLU B 150 -2.72 14.19 -23.05
C GLU B 150 -2.52 12.85 -23.72
N GLY B 151 -2.25 11.80 -22.94
CA GLY B 151 -2.03 10.49 -23.48
C GLY B 151 -2.67 9.39 -22.67
N SER B 152 -2.66 8.16 -23.22
CA SER B 152 -3.11 6.93 -22.57
C SER B 152 -2.65 5.77 -23.43
N ALA B 153 -2.29 4.66 -22.78
CA ALA B 153 -1.81 3.47 -23.49
C ALA B 153 -2.66 2.29 -23.03
N TYR B 154 -3.79 2.09 -23.70
CA TYR B 154 -4.74 1.08 -23.26
C TYR B 154 -4.56 -0.22 -24.04
N THR B 155 -4.83 -1.33 -23.36
CA THR B 155 -4.97 -2.64 -23.97
C THR B 155 -6.40 -3.12 -23.69
N ASN B 156 -7.02 -3.75 -24.67
CA ASN B 156 -8.47 -3.98 -24.64
C ASN B 156 -8.77 -5.36 -25.20
N ALA B 157 -9.24 -6.26 -24.34
CA ALA B 157 -9.60 -7.62 -24.73
C ALA B 157 -11.10 -7.81 -24.57
N VAL B 158 -11.78 -8.09 -25.67
CA VAL B 158 -13.23 -8.28 -25.68
C VAL B 158 -13.54 -9.72 -26.10
N VAL B 159 -14.49 -10.34 -25.40
CA VAL B 159 -15.12 -11.58 -25.85
C VAL B 159 -16.54 -11.22 -26.27
N ARG B 160 -16.83 -11.35 -27.57
CA ARG B 160 -17.95 -10.61 -28.16
C ARG B 160 -19.31 -11.22 -27.86
N ASN B 161 -19.42 -12.54 -27.79
CA ASN B 161 -20.73 -13.16 -27.67
C ASN B 161 -20.57 -14.47 -26.93
N ILE B 162 -20.79 -14.45 -25.62
CA ILE B 162 -20.50 -15.62 -24.82
C ILE B 162 -21.61 -16.65 -24.95
N PHE B 163 -22.86 -16.27 -24.67
CA PHE B 163 -23.99 -17.14 -24.91
C PHE B 163 -24.96 -16.56 -25.93
N GLY B 164 -25.56 -15.41 -25.64
CA GLY B 164 -26.29 -14.64 -26.63
C GLY B 164 -26.31 -13.19 -26.18
N GLY B 165 -25.78 -12.28 -27.01
CA GLY B 165 -25.76 -10.87 -26.69
C GLY B 165 -24.72 -10.41 -25.67
N ALA B 166 -24.28 -11.29 -24.79
CA ALA B 166 -23.42 -10.92 -23.67
C ALA B 166 -22.01 -10.65 -24.14
N GLU B 167 -21.26 -9.91 -23.32
CA GLU B 167 -19.87 -9.61 -23.66
C GLU B 167 -19.08 -9.29 -22.40
N THR B 168 -17.76 -9.45 -22.51
CA THR B 168 -16.80 -9.11 -21.46
C THR B 168 -15.77 -8.15 -22.05
N LEU B 169 -15.37 -7.14 -21.29
CA LEU B 169 -14.33 -6.21 -21.70
C LEU B 169 -13.30 -6.12 -20.58
N THR B 170 -12.09 -6.59 -20.84
CA THR B 170 -10.97 -6.43 -19.92
C THR B 170 -10.07 -5.32 -20.45
N VAL B 171 -9.94 -4.25 -19.68
CA VAL B 171 -9.15 -3.08 -20.07
C VAL B 171 -8.00 -2.94 -19.08
N ASN B 172 -6.80 -2.69 -19.59
CA ASN B 172 -5.61 -2.47 -18.77
C ASN B 172 -4.89 -1.26 -19.36
N ALA B 173 -5.12 -0.09 -18.78
CA ALA B 173 -4.63 1.17 -19.33
C ALA B 173 -3.62 1.78 -18.36
N SER B 174 -2.35 1.44 -18.55
CA SER B 174 -1.27 2.05 -17.78
C SER B 174 -0.77 3.29 -18.51
N THR B 175 -0.94 4.44 -17.88
CA THR B 175 -0.60 5.72 -18.48
C THR B 175 0.43 6.45 -17.62
N GLY B 176 1.49 6.93 -18.26
CA GLY B 176 2.50 7.68 -17.53
C GLY B 176 2.12 9.08 -17.12
N THR B 177 0.95 9.57 -17.53
CA THR B 177 0.61 10.96 -17.24
C THR B 177 0.07 11.11 -15.82
N ARG B 178 -1.14 10.61 -15.57
CA ARG B 178 -1.71 10.76 -14.25
C ARG B 178 -2.21 9.45 -13.65
N THR B 179 -2.76 8.55 -14.46
CA THR B 179 -3.27 7.28 -13.98
C THR B 179 -2.26 6.19 -14.35
N ARG B 180 -1.39 5.86 -13.39
CA ARG B 180 -0.33 4.90 -13.65
C ARG B 180 -0.83 3.48 -13.84
N SER B 181 -2.04 3.16 -13.34
CA SER B 181 -2.64 1.87 -13.62
C SER B 181 -4.15 2.03 -13.55
N ALA B 182 -4.85 1.29 -14.40
CA ALA B 182 -6.30 1.29 -14.41
C ALA B 182 -6.78 -0.04 -14.98
N TYR B 183 -7.13 -0.97 -14.10
CA TYR B 183 -7.59 -2.29 -14.52
C TYR B 183 -9.11 -2.34 -14.48
N ASN B 184 -9.68 -3.17 -15.34
CA ASN B 184 -11.11 -3.22 -15.56
C ASN B 184 -11.52 -4.66 -15.84
N ALA B 185 -12.81 -4.91 -15.63
CA ALA B 185 -13.46 -6.15 -16.04
C ALA B 185 -14.95 -5.86 -16.07
N THR B 186 -15.56 -5.89 -17.24
CA THR B 186 -16.94 -5.46 -17.39
C THR B 186 -17.72 -6.52 -18.16
N PHE B 187 -18.53 -7.29 -17.45
CA PHE B 187 -19.51 -8.16 -18.08
C PHE B 187 -20.79 -7.37 -18.33
N SER B 188 -21.48 -7.69 -19.43
CA SER B 188 -22.64 -6.89 -19.83
C SER B 188 -23.61 -7.75 -20.63
N THR B 189 -24.85 -7.81 -20.17
CA THR B 189 -25.94 -8.54 -20.80
C THR B 189 -27.06 -7.58 -21.19
N PRO B 190 -27.93 -7.96 -22.11
CA PRO B 190 -29.23 -7.32 -22.22
C PRO B 190 -30.27 -8.08 -21.41
N ILE B 191 -31.37 -7.39 -21.13
CA ILE B 191 -32.41 -7.90 -20.24
C ILE B 191 -33.70 -8.07 -21.03
N ASN B 192 -34.16 -9.32 -21.12
CA ASN B 192 -35.45 -9.70 -21.74
C ASN B 192 -35.51 -9.32 -23.20
N GLY B 193 -34.39 -9.44 -23.90
CA GLY B 193 -34.38 -9.30 -25.34
C GLY B 193 -34.50 -7.89 -25.87
N ASN B 194 -34.47 -6.89 -25.00
CA ASN B 194 -34.33 -5.52 -25.46
C ASN B 194 -32.86 -5.26 -25.73
N PRO B 195 -32.46 -4.88 -26.94
CA PRO B 195 -31.05 -4.58 -27.19
C PRO B 195 -30.61 -3.25 -26.61
N ASP B 196 -31.54 -2.42 -26.16
CA ASP B 196 -31.25 -1.09 -25.64
C ASP B 196 -31.13 -1.05 -24.13
N LEU B 197 -31.81 -1.94 -23.43
CA LEU B 197 -31.68 -2.11 -21.98
C LEU B 197 -30.55 -3.07 -21.69
N ARG B 198 -29.46 -2.56 -21.14
CA ARG B 198 -28.29 -3.37 -20.80
C ARG B 198 -28.09 -3.39 -19.30
N LEU B 199 -27.26 -4.33 -18.83
CA LEU B 199 -26.95 -4.47 -17.41
C LEU B 199 -25.50 -4.89 -17.27
N SER B 200 -24.71 -4.10 -16.55
CA SER B 200 -23.27 -4.27 -16.48
C SER B 200 -22.81 -4.51 -15.05
N VAL B 201 -21.84 -5.39 -14.87
CA VAL B 201 -21.23 -5.68 -13.58
C VAL B 201 -19.75 -5.39 -13.71
N GLU B 202 -19.30 -4.27 -13.16
CA GLU B 202 -17.93 -3.83 -13.34
C GLU B 202 -17.09 -4.13 -12.10
N ALA B 203 -15.78 -4.03 -12.27
CA ALA B 203 -14.80 -4.18 -11.20
C ALA B 203 -13.55 -3.45 -11.63
N LEU B 204 -12.96 -2.65 -10.73
CA LEU B 204 -11.91 -1.75 -11.12
C LEU B 204 -10.79 -1.76 -10.09
N ARG B 205 -9.64 -1.26 -10.52
CA ARG B 205 -8.52 -0.98 -9.62
C ARG B 205 -7.68 0.13 -10.26
N SER B 206 -7.66 1.29 -9.63
CA SER B 206 -6.95 2.44 -10.18
C SER B 206 -5.90 2.94 -9.20
N ALA B 207 -5.02 3.78 -9.72
CA ALA B 207 -4.08 4.56 -8.93
C ALA B 207 -3.77 5.80 -9.77
N THR B 208 -4.46 6.90 -9.49
CA THR B 208 -4.41 8.09 -10.34
C THR B 208 -3.85 9.25 -9.55
N GLN B 209 -2.81 9.88 -10.09
CA GLN B 209 -2.21 11.04 -9.44
C GLN B 209 -3.13 12.24 -9.54
N LYS B 210 -3.22 12.99 -8.45
CA LYS B 210 -4.01 14.21 -8.39
C LYS B 210 -3.06 15.40 -8.21
N PRO B 211 -2.52 15.95 -9.30
CA PRO B 211 -1.44 16.93 -9.15
C PRO B 211 -1.89 18.31 -8.71
N TRP B 212 -3.18 18.63 -8.78
CA TRP B 212 -3.65 19.93 -8.30
C TRP B 212 -3.63 19.98 -6.78
N ALA B 213 -4.22 19.00 -6.13
CA ALA B 213 -4.12 18.84 -4.68
C ALA B 213 -3.29 17.62 -4.41
N SER B 214 -2.04 17.83 -4.01
CA SER B 214 -0.92 16.95 -4.35
C SER B 214 -1.01 15.62 -3.61
N HIS B 215 -1.66 14.64 -4.25
CA HIS B 215 -1.76 13.28 -3.73
C HIS B 215 -2.13 12.30 -4.82
N GLU B 216 -2.33 11.03 -4.46
CA GLU B 216 -2.82 9.99 -5.35
C GLU B 216 -4.07 9.38 -4.74
N GLU B 217 -4.90 8.78 -5.59
CA GLU B 217 -6.10 8.09 -5.13
C GLU B 217 -6.09 6.66 -5.67
N HIS B 218 -6.17 5.70 -4.76
CA HIS B 218 -6.22 4.28 -5.10
C HIS B 218 -7.65 3.81 -4.96
N LEU B 219 -8.29 3.46 -6.07
CA LEU B 219 -9.71 3.15 -6.11
C LEU B 219 -9.90 1.69 -6.48
N THR B 220 -10.31 0.86 -5.53
CA THR B 220 -10.70 -0.52 -5.81
C THR B 220 -12.16 -0.72 -5.43
N GLY B 221 -12.96 -1.23 -6.36
CA GLY B 221 -14.31 -1.58 -6.02
C GLY B 221 -15.07 -2.13 -7.22
N ALA B 222 -16.37 -2.32 -7.02
CA ALA B 222 -17.23 -2.94 -8.03
C ALA B 222 -18.54 -2.18 -8.13
N ASN B 223 -19.00 -1.95 -9.35
CA ASN B 223 -20.27 -1.27 -9.56
C ASN B 223 -21.15 -2.03 -10.53
N LEU B 224 -22.46 -1.76 -10.44
CA LEU B 224 -23.49 -2.50 -11.15
C LEU B 224 -24.42 -1.49 -11.83
N ARG B 225 -24.23 -1.30 -13.13
CA ARG B 225 -24.89 -0.24 -13.88
C ARG B 225 -26.01 -0.82 -14.73
N LEU B 226 -27.18 -0.20 -14.69
CA LEU B 226 -28.34 -0.60 -15.48
C LEU B 226 -28.65 0.56 -16.43
N ALA B 227 -28.08 0.52 -17.62
CA ALA B 227 -28.30 1.56 -18.61
C ALA B 227 -29.61 1.34 -19.35
N TRP B 228 -30.10 2.40 -19.98
CA TRP B 228 -31.36 2.33 -20.71
C TRP B 228 -31.37 3.43 -21.75
N LEU B 229 -31.39 3.06 -23.02
CA LEU B 229 -31.60 4.01 -24.10
C LEU B 229 -33.05 3.95 -24.52
N THR B 230 -33.74 5.08 -24.47
CA THR B 230 -35.16 5.10 -24.76
C THR B 230 -35.39 5.28 -26.25
N GLU B 231 -36.66 5.34 -26.63
CA GLU B 231 -37.03 5.39 -28.04
C GLU B 231 -36.82 6.77 -28.66
N LYS B 232 -36.59 7.81 -27.84
CA LYS B 232 -36.37 9.15 -28.34
C LYS B 232 -34.92 9.61 -28.19
N GLY B 233 -33.98 8.67 -28.08
CA GLY B 233 -32.58 9.00 -28.02
C GLY B 233 -32.06 9.47 -26.68
N ASP B 234 -32.90 9.52 -25.65
CA ASP B 234 -32.42 9.84 -24.31
C ASP B 234 -31.88 8.59 -23.64
N THR B 235 -30.89 8.78 -22.78
CA THR B 235 -30.19 7.67 -22.15
C THR B 235 -30.25 7.80 -20.65
N HIS B 236 -30.95 6.88 -20.00
CA HIS B 236 -30.95 6.81 -18.55
C HIS B 236 -29.85 5.86 -18.07
N ALA B 237 -29.57 5.91 -16.78
CA ALA B 237 -28.54 5.09 -16.16
C ALA B 237 -28.82 5.02 -14.68
N LEU B 238 -28.47 3.88 -14.07
CA LEU B 238 -28.71 3.70 -12.64
C LEU B 238 -27.66 2.70 -12.15
N ALA B 239 -26.63 3.23 -11.49
CA ALA B 239 -25.52 2.42 -11.00
C ALA B 239 -25.54 2.37 -9.49
N TYR B 240 -25.15 1.23 -8.94
CA TYR B 240 -24.81 1.09 -7.52
C TYR B 240 -23.30 0.90 -7.44
N SER B 241 -22.59 1.89 -6.96
CA SER B 241 -21.14 1.79 -6.85
C SER B 241 -20.72 1.53 -5.40
N SER B 242 -19.54 0.96 -5.24
CA SER B 242 -18.93 0.74 -3.94
C SER B 242 -17.42 0.72 -4.13
N VAL B 243 -16.70 1.67 -3.52
CA VAL B 243 -15.28 1.87 -3.78
C VAL B 243 -14.49 1.73 -2.48
N TRP B 244 -13.18 1.99 -2.52
CA TRP B 244 -12.38 2.05 -1.30
C TRP B 244 -11.79 3.45 -1.10
N ARG B 245 -11.21 4.06 -2.14
CA ARG B 245 -10.74 5.46 -2.14
C ARG B 245 -9.69 5.71 -1.05
N GLN B 246 -8.52 5.12 -1.25
CA GLN B 246 -7.38 5.34 -0.37
C GLN B 246 -6.54 6.51 -0.86
N LEU B 247 -6.37 7.53 -0.02
CA LEU B 247 -5.56 8.70 -0.33
C LEU B 247 -4.18 8.56 0.29
N THR B 248 -3.15 8.66 -0.54
CA THR B 248 -1.77 8.52 -0.11
C THR B 248 -0.90 9.18 -1.17
N GLY B 249 0.40 8.93 -1.10
CA GLY B 249 1.32 9.49 -2.05
C GLY B 249 1.49 10.99 -1.96
N LEU B 250 1.60 11.51 -0.74
CA LEU B 250 1.55 12.95 -0.52
C LEU B 250 2.89 13.57 -0.91
N ALA B 251 2.83 14.61 -1.72
CA ALA B 251 4.02 15.36 -2.08
C ALA B 251 4.50 16.17 -0.88
N PRO B 252 5.76 16.62 -0.90
CA PRO B 252 6.22 17.54 0.17
C PRO B 252 5.52 18.88 0.17
N THR B 253 4.92 19.30 -0.93
CA THR B 253 4.21 20.58 -0.98
C THR B 253 2.74 20.43 -0.62
N ALA B 254 2.35 19.35 0.04
CA ALA B 254 0.97 19.13 0.41
C ALA B 254 0.56 20.07 1.54
N SER B 255 -0.71 20.43 1.54
CA SER B 255 -1.26 21.37 2.51
C SER B 255 -1.69 20.62 3.76
N PRO B 256 -1.98 21.33 4.85
CA PRO B 256 -2.63 20.67 6.00
C PRO B 256 -4.02 20.11 5.71
N THR B 257 -4.73 20.67 4.73
CA THR B 257 -6.05 20.17 4.35
C THR B 257 -5.95 18.80 3.68
N VAL B 258 -4.90 18.59 2.89
CA VAL B 258 -4.71 17.30 2.24
C VAL B 258 -4.20 16.27 3.24
N ARG B 259 -3.47 16.69 4.27
CA ARG B 259 -3.04 15.75 5.30
C ARG B 259 -4.16 15.40 6.26
N ALA B 260 -5.13 16.29 6.44
CA ALA B 260 -6.25 15.99 7.33
C ALA B 260 -7.14 14.89 6.77
N ASP B 261 -7.22 14.75 5.46
CA ASP B 261 -7.93 13.66 4.80
C ASP B 261 -6.91 12.85 4.00
N ALA B 262 -6.34 11.82 4.63
CA ALA B 262 -5.39 10.95 3.95
C ALA B 262 -5.55 9.58 4.57
N GLY B 263 -6.32 8.72 3.91
CA GLY B 263 -6.64 7.42 4.47
C GLY B 263 -7.74 6.76 3.68
N ASP B 264 -8.49 5.90 4.37
CA ASP B 264 -9.41 4.98 3.75
C ASP B 264 -10.85 5.41 3.92
N SER B 265 -11.67 5.14 2.91
CA SER B 265 -13.08 5.47 2.88
C SER B 265 -13.86 4.24 2.42
N LEU B 266 -15.19 4.37 2.29
CA LEU B 266 -15.91 3.38 1.49
C LEU B 266 -16.68 4.02 0.33
N LYS B 267 -17.61 4.95 0.60
CA LYS B 267 -18.49 5.54 -0.41
C LYS B 267 -19.28 4.49 -1.21
N SER B 268 -20.24 3.85 -0.56
CA SER B 268 -21.23 3.08 -1.29
C SER B 268 -22.39 3.99 -1.68
N SER B 269 -22.56 4.22 -2.98
CA SER B 269 -23.45 5.26 -3.51
C SER B 269 -24.50 4.66 -4.45
N LEU B 270 -25.30 5.54 -5.05
CA LEU B 270 -26.35 5.18 -6.00
C LEU B 270 -26.71 6.40 -6.81
N THR B 271 -26.44 6.37 -8.12
CA THR B 271 -26.45 7.59 -8.93
C THR B 271 -27.24 7.39 -10.22
N HIS B 272 -28.21 8.26 -10.45
CA HIS B 272 -28.95 8.34 -11.70
C HIS B 272 -28.29 9.33 -12.65
N THR B 273 -28.30 9.01 -13.94
CA THR B 273 -27.74 9.87 -14.96
C THR B 273 -28.73 9.96 -16.12
N PHE B 274 -29.04 11.17 -16.53
CA PHE B 274 -29.92 11.43 -17.66
C PHE B 274 -29.13 12.22 -18.70
N THR B 275 -29.39 11.95 -19.98
CA THR B 275 -28.75 12.69 -21.07
C THR B 275 -29.76 12.87 -22.19
N ARG B 276 -29.75 14.04 -22.83
CA ARG B 276 -30.63 14.34 -23.95
C ARG B 276 -29.83 15.13 -24.97
N ASP B 277 -29.25 14.41 -25.93
CA ASP B 277 -28.20 14.94 -26.81
C ASP B 277 -28.79 15.19 -28.20
N ARG B 278 -29.27 16.40 -28.42
CA ARG B 278 -29.83 16.80 -29.71
C ARG B 278 -28.86 17.66 -30.52
N ARG B 279 -27.59 17.66 -30.16
CA ARG B 279 -26.59 18.31 -31.00
C ARG B 279 -26.34 17.49 -32.25
N ASP B 280 -26.28 18.18 -33.40
CA ASP B 280 -26.09 17.48 -34.67
C ASP B 280 -24.67 16.95 -34.84
N ASN B 281 -23.72 17.48 -34.08
CA ASN B 281 -22.35 16.98 -34.06
C ASN B 281 -21.78 17.20 -32.67
N PRO B 282 -21.41 16.14 -31.95
CA PRO B 282 -20.95 16.33 -30.56
C PRO B 282 -19.59 17.00 -30.46
N MET B 283 -18.66 16.69 -31.36
CA MET B 283 -17.32 17.24 -31.28
C MET B 283 -17.21 18.67 -31.82
N LEU B 284 -18.23 19.16 -32.53
CA LEU B 284 -18.28 20.52 -32.99
C LEU B 284 -19.74 20.86 -33.24
N PRO B 285 -20.45 21.38 -32.25
CA PRO B 285 -21.87 21.70 -32.47
C PRO B 285 -22.07 22.94 -33.31
N GLN B 286 -23.07 22.89 -34.19
CA GLN B 286 -23.51 24.06 -34.94
C GLN B 286 -24.97 24.36 -34.73
N SER B 287 -25.73 23.42 -34.14
CA SER B 287 -27.13 23.60 -33.78
C SER B 287 -27.48 22.54 -32.75
N GLY B 288 -28.68 22.64 -32.21
CA GLY B 288 -29.17 21.67 -31.25
C GLY B 288 -29.00 22.14 -29.82
N TYR B 289 -29.08 21.17 -28.91
CA TYR B 289 -28.79 21.42 -27.50
C TYR B 289 -28.37 20.11 -26.84
N LEU B 290 -28.09 20.20 -25.54
CA LEU B 290 -27.73 19.05 -24.72
C LEU B 290 -28.17 19.34 -23.30
N PHE B 291 -28.86 18.39 -22.67
CA PHE B 291 -29.19 18.47 -21.26
C PHE B 291 -28.70 17.20 -20.59
N ARG B 292 -27.91 17.36 -19.54
CA ARG B 292 -27.36 16.23 -18.82
C ARG B 292 -27.52 16.48 -17.32
N SER B 293 -27.90 15.43 -16.58
CA SER B 293 -28.24 15.58 -15.17
C SER B 293 -27.76 14.38 -14.38
N VAL B 294 -26.61 14.50 -13.76
CA VAL B 294 -26.07 13.47 -12.86
C VAL B 294 -26.50 13.80 -11.44
N SER B 295 -26.86 12.76 -10.68
CA SER B 295 -27.48 12.97 -9.37
C SER B 295 -27.19 11.77 -8.51
N GLU B 296 -26.35 11.93 -7.49
CA GLU B 296 -25.88 10.84 -6.64
C GLU B 296 -26.50 10.93 -5.26
N LEU B 297 -26.60 9.77 -4.59
CA LEU B 297 -26.97 9.70 -3.18
C LEU B 297 -26.07 8.68 -2.50
N ALA B 298 -25.15 9.15 -1.68
CA ALA B 298 -24.24 8.26 -0.95
C ALA B 298 -24.68 8.09 0.50
N GLY B 299 -24.42 6.90 1.05
CA GLY B 299 -24.38 6.67 2.48
C GLY B 299 -25.68 6.67 3.26
N TRP B 300 -26.70 7.34 2.77
CA TRP B 300 -27.92 7.50 3.54
C TRP B 300 -28.81 6.30 3.36
N GLY B 301 -29.34 5.78 4.46
CA GLY B 301 -30.34 4.75 4.41
C GLY B 301 -29.75 3.36 4.44
N PRO B 302 -30.16 2.51 3.48
CA PRO B 302 -29.61 1.16 3.43
C PRO B 302 -28.18 1.11 2.93
N LEU B 303 -27.72 2.13 2.23
CA LEU B 303 -26.31 2.23 1.88
C LEU B 303 -25.49 2.51 3.14
N ASN B 304 -24.24 2.05 3.13
CA ASN B 304 -23.38 2.22 4.29
C ASN B 304 -21.99 2.55 3.80
N GLY B 305 -21.31 3.46 4.50
CA GLY B 305 -19.97 3.81 4.11
C GLY B 305 -19.34 4.71 5.14
N ASP B 306 -18.35 5.50 4.74
CA ASP B 306 -17.86 6.54 5.62
C ASP B 306 -18.44 7.90 5.29
N VAL B 307 -18.89 8.10 4.05
CA VAL B 307 -19.47 9.37 3.63
C VAL B 307 -20.94 9.15 3.34
N SER B 308 -21.72 10.21 3.53
CA SER B 308 -23.16 10.18 3.31
C SER B 308 -23.61 11.56 2.85
N PHE B 309 -23.76 11.74 1.55
CA PHE B 309 -24.08 13.06 1.01
C PHE B 309 -25.17 12.91 -0.04
N ALA B 310 -25.42 14.01 -0.76
CA ALA B 310 -26.40 14.04 -1.84
C ALA B 310 -25.92 15.09 -2.83
N LYS B 311 -25.46 14.64 -4.00
CA LYS B 311 -24.80 15.50 -4.97
C LYS B 311 -25.53 15.47 -6.30
N THR B 312 -25.84 16.65 -6.84
CA THR B 312 -26.49 16.79 -8.13
C THR B 312 -25.64 17.69 -9.02
N GLU B 313 -25.98 17.68 -10.31
CA GLU B 313 -25.25 18.43 -11.32
C GLU B 313 -26.09 18.55 -12.57
N VAL B 314 -26.31 19.77 -13.04
CA VAL B 314 -27.11 20.02 -14.23
C VAL B 314 -26.25 20.79 -15.22
N GLU B 315 -26.07 20.23 -16.42
CA GLU B 315 -25.28 20.84 -17.47
C GLU B 315 -26.17 21.10 -18.68
N ALA B 316 -26.09 22.28 -19.26
CA ALA B 316 -26.84 22.65 -20.44
C ALA B 316 -25.89 23.12 -21.53
N SER B 317 -26.42 23.29 -22.74
CA SER B 317 -25.61 23.66 -23.90
C SER B 317 -26.54 24.22 -24.97
N GLY B 318 -26.04 24.31 -26.19
CA GLY B 318 -26.83 24.81 -27.29
C GLY B 318 -25.96 25.51 -28.31
N ALA B 319 -26.55 25.73 -29.48
CA ALA B 319 -25.89 26.42 -30.58
C ALA B 319 -26.97 26.96 -31.51
N LEU B 320 -26.78 28.18 -31.98
CA LEU B 320 -27.76 28.87 -32.81
C LEU B 320 -27.07 29.38 -34.06
N PRO B 321 -27.50 28.97 -35.25
CA PRO B 321 -26.81 29.41 -36.47
C PRO B 321 -27.14 30.85 -36.84
N VAL B 322 -26.15 31.52 -37.43
CA VAL B 322 -26.33 32.85 -37.99
C VAL B 322 -26.22 32.72 -39.51
N ALA B 323 -26.79 33.68 -40.24
CA ALA B 323 -26.89 33.60 -41.69
C ALA B 323 -25.55 33.96 -42.34
N ILE B 324 -25.57 34.11 -43.66
CA ILE B 324 -24.37 34.40 -44.43
C ILE B 324 -23.94 35.86 -44.26
N GLY B 329 -27.19 30.37 -47.61
CA GLY B 329 -26.17 29.34 -47.52
C GLY B 329 -26.16 28.65 -46.16
N LYS B 330 -25.16 27.79 -45.96
CA LYS B 330 -25.00 27.04 -44.71
C LYS B 330 -23.68 27.36 -44.03
N SER B 331 -23.32 28.64 -43.98
CA SER B 331 -22.03 29.05 -43.42
C SER B 331 -21.99 28.81 -41.91
N GLY B 332 -20.92 28.18 -41.45
CA GLY B 332 -20.87 27.70 -40.08
C GLY B 332 -20.52 28.75 -39.06
N VAL B 333 -21.47 29.61 -38.71
CA VAL B 333 -21.20 30.65 -37.74
C VAL B 333 -21.32 30.10 -36.32
N SER B 334 -22.54 29.70 -35.92
CA SER B 334 -22.80 28.90 -34.72
C SER B 334 -22.35 29.59 -33.42
N VAL B 335 -23.09 30.64 -33.07
CA VAL B 335 -23.02 31.22 -31.72
C VAL B 335 -23.36 30.17 -30.67
N GLY B 336 -22.40 29.83 -29.81
CA GLY B 336 -22.59 28.78 -28.83
C GLY B 336 -23.06 29.28 -27.48
N GLY B 337 -23.13 28.35 -26.52
CA GLY B 337 -23.61 28.68 -25.19
C GLY B 337 -23.49 27.47 -24.29
N GLY B 338 -23.61 27.73 -22.99
CA GLY B 338 -23.44 26.67 -22.00
C GLY B 338 -23.70 27.18 -20.60
N LEU B 339 -23.96 26.23 -19.71
CA LEU B 339 -24.22 26.52 -18.29
C LEU B 339 -24.10 25.23 -17.49
N ARG B 340 -23.29 25.25 -16.45
CA ARG B 340 -23.19 24.15 -15.50
C ARG B 340 -23.57 24.63 -14.11
N LEU B 341 -24.13 23.72 -13.32
CA LEU B 341 -24.44 23.98 -11.92
C LEU B 341 -24.06 22.74 -11.11
N GLY B 342 -24.19 22.83 -9.81
CA GLY B 342 -23.82 21.69 -8.98
C GLY B 342 -23.82 22.03 -7.52
N VAL B 343 -24.36 21.12 -6.69
CA VAL B 343 -24.51 21.34 -5.25
C VAL B 343 -24.24 20.02 -4.55
N LEU B 344 -23.33 20.05 -3.58
CA LEU B 344 -23.01 18.90 -2.75
C LEU B 344 -23.50 19.17 -1.33
N TYR B 345 -24.48 18.38 -0.88
CA TYR B 345 -25.20 18.55 0.36
C TYR B 345 -24.85 17.44 1.33
N PRO B 346 -24.48 17.74 2.58
CA PRO B 346 -24.20 16.66 3.53
C PRO B 346 -25.44 16.17 4.26
N LEU B 347 -25.61 14.86 4.33
CA LEU B 347 -26.72 14.20 4.99
C LEU B 347 -26.24 13.44 6.20
N PRO B 348 -27.13 13.10 7.14
CA PRO B 348 -26.76 12.17 8.21
C PRO B 348 -26.70 10.74 7.68
N LEU B 349 -26.26 9.84 8.56
CA LEU B 349 -26.15 8.42 8.24
C LEU B 349 -27.22 7.66 8.99
N GLY B 350 -28.04 6.92 8.25
CA GLY B 350 -29.19 6.23 8.80
C GLY B 350 -30.48 6.77 8.20
N TYR B 351 -31.58 6.15 8.61
CA TYR B 351 -32.89 6.42 7.98
C TYR B 351 -33.54 7.63 8.64
N SER B 352 -32.92 8.79 8.45
CA SER B 352 -33.46 10.05 8.92
C SER B 352 -32.84 11.20 8.14
N LEU B 353 -33.59 12.29 8.04
CA LEU B 353 -33.08 13.52 7.46
C LEU B 353 -32.62 14.52 8.51
N THR B 354 -33.32 14.58 9.64
CA THR B 354 -32.86 15.35 10.78
C THR B 354 -31.79 14.56 11.52
N GLY B 355 -30.62 15.14 11.68
CA GLY B 355 -29.52 14.45 12.31
C GLY B 355 -28.20 15.09 11.98
N ALA B 356 -27.20 14.78 12.81
CA ALA B 356 -25.89 15.38 12.66
C ALA B 356 -25.17 14.79 11.45
N ALA B 357 -24.46 15.65 10.73
CA ALA B 357 -23.89 15.30 9.44
C ALA B 357 -22.41 15.65 9.41
N GLN B 358 -21.60 14.73 8.95
CA GLN B 358 -20.18 14.98 8.77
C GLN B 358 -19.97 15.83 7.52
N PRO B 359 -19.04 16.79 7.55
CA PRO B 359 -18.75 17.57 6.35
C PRO B 359 -17.95 16.76 5.35
N SER B 360 -17.91 17.28 4.13
CA SER B 360 -17.35 16.54 3.01
C SER B 360 -15.84 16.42 3.11
N ARG B 361 -15.29 15.51 2.31
CA ARG B 361 -13.88 15.27 2.16
C ARG B 361 -13.43 15.69 0.77
N ILE B 362 -12.11 15.73 0.58
CA ILE B 362 -11.52 16.18 -0.68
C ILE B 362 -11.76 15.19 -1.81
N ASN B 363 -12.12 13.95 -1.47
CA ASN B 363 -12.48 12.95 -2.47
C ASN B 363 -13.74 13.33 -3.22
N ASP B 364 -14.66 14.04 -2.55
CA ASP B 364 -16.02 14.23 -3.03
C ASP B 364 -16.31 15.61 -3.56
N ARG B 365 -15.53 16.62 -3.18
CA ARG B 365 -15.81 18.01 -3.52
C ARG B 365 -15.50 18.30 -4.99
N PHE B 366 -16.18 19.32 -5.50
CA PHE B 366 -16.06 19.70 -6.90
C PHE B 366 -14.73 20.37 -7.20
N GLN B 367 -14.27 20.24 -8.44
CA GLN B 367 -13.07 20.92 -8.91
C GLN B 367 -13.43 21.68 -10.16
N LEU B 368 -13.35 23.01 -10.11
CA LEU B 368 -13.61 23.85 -11.26
C LEU B 368 -12.30 24.40 -11.79
N GLY B 369 -12.32 24.86 -13.03
CA GLY B 369 -11.12 25.34 -13.66
C GLY B 369 -10.44 24.27 -14.48
N GLY B 370 -9.71 24.70 -15.49
CA GLY B 370 -9.01 23.77 -16.36
C GLY B 370 -9.21 24.07 -17.82
N PRO B 371 -8.58 23.28 -18.69
CA PRO B 371 -8.79 23.47 -20.13
C PRO B 371 -10.13 22.96 -20.62
N ASN B 372 -10.59 21.84 -20.08
CA ASN B 372 -11.86 21.28 -20.48
C ASN B 372 -13.05 21.97 -19.86
N ASP B 373 -12.84 22.74 -18.79
CA ASP B 373 -13.94 23.15 -17.93
C ASP B 373 -14.22 24.65 -17.97
N VAL B 374 -13.28 25.48 -17.54
CA VAL B 374 -13.40 26.94 -17.63
C VAL B 374 -12.06 27.41 -18.15
N ARG B 375 -12.01 27.76 -19.43
CA ARG B 375 -10.76 28.06 -20.12
C ARG B 375 -10.12 29.31 -19.59
N GLY B 376 -8.82 29.25 -19.32
CA GLY B 376 -8.06 30.39 -18.84
C GLY B 376 -7.38 30.19 -17.51
N PHE B 377 -7.50 29.02 -16.90
CA PHE B 377 -7.00 28.79 -15.55
C PHE B 377 -6.23 27.48 -15.52
N LYS B 378 -5.61 27.20 -14.38
CA LYS B 378 -4.90 25.96 -14.17
C LYS B 378 -5.89 24.79 -14.12
N ILE B 379 -5.35 23.57 -14.16
CA ILE B 379 -6.20 22.38 -14.22
C ILE B 379 -6.93 22.13 -12.91
N GLY B 380 -6.51 22.76 -11.82
CA GLY B 380 -7.39 23.01 -10.71
C GLY B 380 -7.22 24.45 -10.27
N GLY B 381 -8.24 25.27 -10.49
CA GLY B 381 -8.18 26.64 -10.06
C GLY B 381 -9.53 26.98 -9.47
N LEU B 382 -9.88 28.25 -9.43
CA LEU B 382 -11.23 28.78 -9.24
C LEU B 382 -11.86 28.47 -7.89
N GLY B 383 -11.21 27.75 -7.00
CA GLY B 383 -11.84 27.38 -5.76
C GLY B 383 -11.06 27.80 -4.53
N PRO B 384 -11.33 27.14 -3.41
CA PRO B 384 -10.49 27.36 -2.23
C PRO B 384 -9.13 26.72 -2.43
N HIS B 385 -8.07 27.49 -2.15
CA HIS B 385 -6.72 26.99 -2.26
C HIS B 385 -6.06 27.08 -0.89
N ASP B 386 -5.50 25.97 -0.41
CA ASP B 386 -4.72 25.94 0.81
C ASP B 386 -3.26 25.95 0.40
N GLY B 387 -2.66 27.13 0.36
CA GLY B 387 -1.33 27.24 -0.19
C GLY B 387 -1.41 27.16 -1.70
N VAL B 388 -0.87 26.08 -2.25
CA VAL B 388 -0.95 25.86 -3.69
C VAL B 388 -1.93 24.76 -4.05
N ASP B 389 -2.38 23.95 -3.10
CA ASP B 389 -3.24 22.83 -3.41
C ASP B 389 -4.65 23.31 -3.68
N ALA B 390 -5.32 22.65 -4.63
CA ALA B 390 -6.69 22.97 -5.00
C ALA B 390 -7.60 22.02 -4.26
N VAL B 391 -8.02 22.44 -3.08
CA VAL B 391 -9.11 21.76 -2.40
C VAL B 391 -10.43 22.27 -2.98
N GLY B 392 -11.51 21.54 -2.71
CA GLY B 392 -12.73 21.69 -3.47
C GLY B 392 -13.76 22.58 -2.82
N GLY B 393 -14.88 22.73 -3.53
CA GLY B 393 -16.03 23.43 -3.02
C GLY B 393 -17.24 22.51 -2.94
N ASP B 394 -18.35 23.09 -2.49
CA ASP B 394 -19.58 22.34 -2.34
C ASP B 394 -20.68 22.79 -3.29
N VAL B 395 -20.66 24.05 -3.71
CA VAL B 395 -21.65 24.62 -4.61
C VAL B 395 -20.89 25.34 -5.71
N PHE B 396 -21.19 25.04 -6.97
CA PHE B 396 -20.53 25.76 -8.05
C PHE B 396 -21.53 26.22 -9.10
N ALA B 397 -21.00 27.03 -10.02
CA ALA B 397 -21.68 27.45 -11.23
C ALA B 397 -20.62 27.67 -12.28
N ALA B 398 -21.05 27.74 -13.53
CA ALA B 398 -20.14 27.84 -14.66
C ALA B 398 -20.93 28.44 -15.82
N GLY B 399 -20.38 28.33 -17.01
CA GLY B 399 -21.05 28.88 -18.18
C GLY B 399 -20.06 29.61 -19.05
N SER B 400 -20.46 29.80 -20.31
CA SER B 400 -19.61 30.42 -21.31
C SER B 400 -20.48 30.89 -22.46
N VAL B 401 -19.87 31.65 -23.37
CA VAL B 401 -20.43 31.97 -24.68
C VAL B 401 -19.34 31.61 -25.69
N ASN B 402 -19.75 31.45 -26.95
CA ASN B 402 -18.82 31.11 -28.02
C ASN B 402 -19.21 31.87 -29.28
N ALA B 403 -18.31 31.83 -30.28
CA ALA B 403 -18.66 32.40 -31.57
C ALA B 403 -18.34 31.52 -32.76
N LEU B 404 -17.27 30.72 -32.74
CA LEU B 404 -16.98 29.61 -33.67
C LEU B 404 -17.05 29.99 -35.16
N LEU B 405 -16.37 31.07 -35.53
CA LEU B 405 -16.40 31.56 -36.90
C LEU B 405 -15.61 30.63 -37.83
N PRO B 406 -16.03 30.51 -39.09
CA PRO B 406 -15.32 29.63 -40.03
C PRO B 406 -14.06 30.29 -40.57
N LEU B 407 -13.12 29.45 -41.00
CA LEU B 407 -11.85 29.94 -41.50
C LEU B 407 -12.00 30.40 -42.95
N PRO B 408 -11.32 31.47 -43.34
CA PRO B 408 -11.39 31.92 -44.74
C PRO B 408 -10.61 31.00 -45.65
N ARG B 409 -10.91 31.12 -46.95
CA ARG B 409 -10.37 30.27 -48.03
C ARG B 409 -10.67 28.77 -47.78
N THR B 410 -11.75 28.49 -47.06
CA THR B 410 -12.17 27.13 -46.74
C THR B 410 -13.69 27.13 -46.68
N GLY B 411 -14.29 26.06 -47.19
CA GLY B 411 -15.73 25.93 -47.17
C GLY B 411 -16.22 25.54 -45.79
N PRO B 412 -17.54 25.54 -45.59
CA PRO B 412 -18.10 25.15 -44.29
C PRO B 412 -18.27 23.64 -44.13
N ASP B 413 -17.23 22.89 -44.50
CA ASP B 413 -17.23 21.43 -44.37
C ASP B 413 -16.00 20.89 -43.66
N SER B 414 -14.90 21.65 -43.61
CA SER B 414 -13.74 21.25 -42.86
C SER B 414 -14.03 21.35 -41.36
N PRO B 415 -13.44 20.47 -40.54
CA PRO B 415 -13.66 20.56 -39.09
C PRO B 415 -12.97 21.73 -38.41
N LEU B 416 -12.18 22.53 -39.13
CA LEU B 416 -11.45 23.64 -38.54
C LEU B 416 -12.39 24.82 -38.30
N ARG B 417 -12.39 25.33 -37.07
CA ARG B 417 -13.18 26.49 -36.70
C ARG B 417 -12.32 27.43 -35.85
N LEU B 418 -12.79 28.67 -35.74
CA LEU B 418 -12.08 29.73 -35.02
C LEU B 418 -12.97 30.20 -33.88
N GLN B 419 -12.61 29.85 -32.65
CA GLN B 419 -13.46 30.07 -31.49
C GLN B 419 -13.19 31.43 -30.85
N LEU B 420 -14.25 32.03 -30.28
CA LEU B 420 -14.14 33.27 -29.49
C LEU B 420 -14.91 33.06 -28.20
N TYR B 421 -14.28 32.42 -27.21
CA TYR B 421 -14.98 32.08 -26.00
C TYR B 421 -14.88 33.20 -24.97
N ALA B 422 -15.70 33.09 -23.93
CA ALA B 422 -15.61 33.88 -22.72
C ALA B 422 -16.33 33.13 -21.61
N ASN B 423 -15.59 32.53 -20.68
CA ASN B 423 -16.21 31.78 -19.60
C ASN B 423 -16.21 32.59 -18.32
N ALA B 424 -16.86 32.03 -17.32
CA ALA B 424 -16.91 32.56 -15.96
C ALA B 424 -17.25 31.38 -15.07
N GLY B 425 -16.87 31.49 -13.80
CA GLY B 425 -17.10 30.38 -12.89
C GLY B 425 -17.02 30.81 -11.45
N ARG B 426 -17.63 30.02 -10.58
CA ARG B 426 -17.59 30.22 -9.15
C ARG B 426 -17.53 28.86 -8.50
N LEU B 427 -16.80 28.77 -7.39
CA LEU B 427 -16.69 27.51 -6.66
C LEU B 427 -16.42 27.86 -5.20
N VAL B 428 -17.46 27.82 -4.39
CA VAL B 428 -17.36 28.20 -3.00
C VAL B 428 -17.52 26.95 -2.15
N ALA B 429 -17.04 27.03 -0.92
CA ALA B 429 -17.09 25.93 0.02
C ALA B 429 -18.23 26.15 1.00
N LEU B 430 -18.31 25.28 2.00
CA LEU B 430 -19.39 25.30 2.98
C LEU B 430 -18.79 25.26 4.37
N ASN B 431 -19.10 26.26 5.19
CA ASN B 431 -18.60 26.32 6.54
C ASN B 431 -19.76 26.55 7.50
N SER B 432 -19.45 26.59 8.80
CA SER B 432 -20.45 26.71 9.84
C SER B 432 -20.29 27.97 10.66
N LYS B 433 -20.06 29.11 10.03
CA LYS B 433 -20.03 30.37 10.76
C LYS B 433 -21.43 30.80 11.16
N GLY B 434 -21.50 31.67 12.17
CA GLY B 434 -22.77 32.12 12.68
C GLY B 434 -23.40 31.24 13.75
N THR B 435 -23.00 29.96 13.83
CA THR B 435 -23.48 29.06 14.88
C THR B 435 -22.32 28.14 15.21
N ASP B 436 -21.53 28.52 16.22
CA ASP B 436 -20.32 27.79 16.60
C ASP B 436 -20.33 27.40 18.06
N LYS B 437 -21.47 26.92 18.57
CA LYS B 437 -21.59 26.42 19.93
C LYS B 437 -21.32 24.93 20.03
N GLU B 438 -20.59 24.36 19.07
CA GLU B 438 -20.25 22.94 19.12
C GLU B 438 -19.17 22.68 20.14
N GLY B 439 -18.02 23.33 19.99
CA GLY B 439 -16.88 23.07 20.84
C GLY B 439 -16.25 21.73 20.56
N LYS B 440 -16.31 20.82 21.53
CA LYS B 440 -15.88 19.45 21.30
C LYS B 440 -16.89 18.72 20.44
N GLU B 441 -16.45 17.59 19.87
CA GLU B 441 -17.14 16.85 18.80
C GLU B 441 -17.49 17.79 17.65
N GLY B 442 -16.50 18.56 17.22
CA GLY B 442 -16.70 19.72 16.38
C GLY B 442 -16.95 19.48 14.92
N LEU B 443 -16.97 18.24 14.44
CA LEU B 443 -17.14 18.04 13.01
C LEU B 443 -18.59 17.85 12.59
N ALA B 444 -19.38 17.11 13.37
CA ALA B 444 -20.76 16.83 12.98
C ALA B 444 -21.65 18.07 13.11
N MET B 445 -22.49 18.29 12.10
CA MET B 445 -23.36 19.46 12.02
C MET B 445 -24.80 19.03 11.83
N ASP B 446 -25.72 19.68 12.54
CA ASP B 446 -27.13 19.29 12.49
C ASP B 446 -27.80 19.89 11.26
N SER B 447 -29.11 19.71 11.14
CA SER B 447 -29.83 20.02 9.91
C SER B 447 -30.00 21.52 9.69
N ALA B 448 -30.20 22.28 10.76
CA ALA B 448 -30.37 23.73 10.61
C ALA B 448 -29.05 24.41 10.27
N ALA B 449 -27.95 23.92 10.83
CA ALA B 449 -26.64 24.48 10.51
C ALA B 449 -26.24 24.18 9.09
N VAL B 450 -26.50 22.95 8.62
CA VAL B 450 -26.18 22.59 7.24
C VAL B 450 -27.08 23.32 6.26
N PHE B 451 -28.35 23.56 6.63
CA PHE B 451 -29.25 24.30 5.75
C PHE B 451 -28.84 25.77 5.64
N LYS B 452 -28.43 26.38 6.75
CA LYS B 452 -27.95 27.76 6.68
C LYS B 452 -26.59 27.85 5.99
N GLY B 453 -25.78 26.80 6.08
CA GLY B 453 -24.52 26.79 5.33
C GLY B 453 -24.72 26.72 3.83
N VAL B 454 -25.64 25.87 3.37
CA VAL B 454 -25.93 25.77 1.95
C VAL B 454 -26.62 27.05 1.47
N LYS B 455 -27.45 27.66 2.30
CA LYS B 455 -28.06 28.95 1.94
C LYS B 455 -27.01 30.03 1.78
N SER B 456 -26.03 30.08 2.68
CA SER B 456 -24.96 31.07 2.57
C SER B 456 -24.06 30.82 1.38
N ALA B 457 -23.81 29.56 1.03
CA ALA B 457 -22.96 29.27 -0.13
C ALA B 457 -23.66 29.62 -1.45
N VAL B 458 -24.96 29.31 -1.55
CA VAL B 458 -25.74 29.72 -2.72
C VAL B 458 -25.84 31.24 -2.80
N GLY B 459 -25.91 31.93 -1.66
CA GLY B 459 -25.86 33.38 -1.69
C GLY B 459 -24.51 33.95 -2.05
N LYS B 460 -23.43 33.25 -1.69
CA LYS B 460 -22.07 33.67 -2.02
C LYS B 460 -21.69 33.36 -3.46
N LEU B 461 -22.47 32.54 -4.17
CA LEU B 461 -22.28 32.42 -5.60
C LEU B 461 -22.53 33.76 -6.30
N THR B 462 -23.73 34.31 -6.14
CA THR B 462 -24.14 35.50 -6.90
C THR B 462 -23.83 36.80 -6.18
N ASN B 463 -22.76 36.83 -5.40
CA ASN B 463 -22.31 38.04 -4.71
C ASN B 463 -20.94 38.42 -5.25
N GLY B 464 -20.92 39.20 -6.33
CA GLY B 464 -19.68 39.61 -6.94
C GLY B 464 -19.53 39.14 -8.37
N ILE B 465 -18.65 39.77 -9.12
CA ILE B 465 -18.39 39.34 -10.51
C ILE B 465 -17.63 38.03 -10.49
N PRO B 466 -18.08 37.00 -11.24
CA PRO B 466 -17.44 35.69 -11.16
C PRO B 466 -16.04 35.69 -11.78
N SER B 467 -15.31 34.61 -11.50
CA SER B 467 -13.95 34.46 -11.96
C SER B 467 -13.95 34.21 -13.45
N LEU B 468 -13.73 35.26 -14.23
CA LEU B 468 -13.97 35.26 -15.66
C LEU B 468 -12.67 35.32 -16.45
N ALA B 469 -12.67 34.65 -17.60
CA ALA B 469 -11.56 34.72 -18.55
C ALA B 469 -12.15 34.84 -19.95
N ALA B 470 -11.26 34.95 -20.95
CA ALA B 470 -11.65 35.10 -22.34
C ALA B 470 -10.55 34.54 -23.23
N GLY B 471 -10.69 34.71 -24.53
CA GLY B 471 -9.64 34.30 -25.43
C GLY B 471 -10.14 34.03 -26.84
N VAL B 472 -9.23 33.51 -27.66
CA VAL B 472 -9.48 33.01 -29.00
C VAL B 472 -8.98 31.58 -29.08
N GLY B 473 -9.20 30.93 -30.22
CA GLY B 473 -8.78 29.54 -30.35
C GLY B 473 -8.91 29.07 -31.78
N LEU B 474 -8.57 27.80 -31.99
CA LEU B 474 -8.63 27.19 -33.31
C LEU B 474 -9.02 25.72 -33.14
N VAL B 475 -10.32 25.44 -33.20
CA VAL B 475 -10.84 24.13 -32.85
C VAL B 475 -10.72 23.19 -34.05
N TYR B 476 -10.17 22.00 -33.81
CA TYR B 476 -10.15 20.92 -34.78
C TYR B 476 -11.00 19.77 -34.24
N ALA B 477 -11.93 19.29 -35.05
CA ALA B 477 -13.00 18.40 -34.60
C ALA B 477 -12.76 16.98 -35.15
N HIS B 478 -12.01 16.19 -34.41
CA HIS B 478 -11.85 14.79 -34.73
C HIS B 478 -13.14 14.03 -34.40
N PRO B 479 -13.35 12.85 -34.98
CA PRO B 479 -14.55 12.07 -34.62
C PRO B 479 -14.51 11.49 -33.22
N VAL B 480 -13.35 11.40 -32.57
CA VAL B 480 -13.24 10.80 -31.25
C VAL B 480 -12.91 11.80 -30.15
N ALA B 481 -12.53 13.02 -30.50
CA ALA B 481 -12.09 14.00 -29.52
C ALA B 481 -12.32 15.39 -30.11
N ARG B 482 -11.71 16.40 -29.49
CA ARG B 482 -11.84 17.79 -29.92
C ARG B 482 -10.58 18.51 -29.45
N PHE B 483 -9.75 18.93 -30.39
CA PHE B 483 -8.52 19.65 -30.08
C PHE B 483 -8.76 21.14 -30.23
N GLU B 484 -8.27 21.93 -29.28
CA GLU B 484 -8.66 23.34 -29.20
C GLU B 484 -7.54 24.34 -29.43
N LEU B 485 -6.44 24.27 -28.68
CA LEU B 485 -5.25 25.12 -28.82
C LEU B 485 -5.58 26.62 -28.73
N ASN B 486 -5.97 27.04 -27.53
CA ASN B 486 -6.50 28.36 -27.30
C ASN B 486 -5.49 29.27 -26.62
N PHE B 487 -5.62 30.58 -26.89
CA PHE B 487 -4.82 31.64 -26.30
C PHE B 487 -5.73 32.42 -25.36
N SER B 488 -5.57 32.21 -24.06
CA SER B 488 -6.49 32.75 -23.07
C SER B 488 -5.89 33.95 -22.35
N LEU B 489 -6.75 34.67 -21.64
CA LEU B 489 -6.39 35.94 -21.01
C LEU B 489 -7.33 36.18 -19.84
N PRO B 490 -6.88 35.89 -18.61
CA PRO B 490 -7.77 36.06 -17.45
C PRO B 490 -8.07 37.52 -17.15
N LEU B 491 -9.30 37.77 -16.73
CA LEU B 491 -9.78 39.12 -16.52
C LEU B 491 -10.09 39.41 -15.07
N VAL B 492 -10.86 38.53 -14.41
CA VAL B 492 -11.26 38.72 -13.02
C VAL B 492 -10.93 37.44 -12.27
N LEU B 493 -10.23 37.57 -11.16
CA LEU B 493 -9.77 36.44 -10.36
C LEU B 493 -10.16 36.65 -8.90
N ARG B 494 -9.93 35.62 -8.11
CA ARG B 494 -9.81 35.71 -6.66
C ARG B 494 -8.36 35.42 -6.30
N ARG B 495 -8.00 35.65 -5.04
CA ARG B 495 -6.60 35.57 -4.67
C ARG B 495 -6.17 34.13 -4.45
N GLY B 496 -5.02 33.78 -5.01
CA GLY B 496 -4.54 32.42 -4.94
C GLY B 496 -5.29 31.45 -5.82
N GLU B 497 -5.76 31.89 -6.98
CA GLU B 497 -6.60 31.06 -7.84
C GLU B 497 -5.91 30.51 -9.07
N GLU B 498 -4.74 31.05 -9.45
CA GLU B 498 -3.79 30.46 -10.40
C GLU B 498 -4.39 30.30 -11.80
N GLY B 499 -4.59 31.44 -12.46
CA GLY B 499 -4.96 31.45 -13.87
C GLY B 499 -3.77 31.55 -14.81
N ARG B 500 -3.89 30.91 -15.98
CA ARG B 500 -2.86 30.90 -17.00
C ARG B 500 -3.17 31.94 -18.07
N LYS B 501 -2.11 32.50 -18.66
CA LYS B 501 -2.24 33.74 -19.42
C LYS B 501 -1.79 33.60 -20.88
N GLY B 502 -1.37 32.42 -21.30
CA GLY B 502 -0.81 32.31 -22.64
C GLY B 502 -1.49 31.29 -23.53
N LEU B 503 -0.70 30.39 -24.12
CA LEU B 503 -1.22 29.34 -24.98
C LEU B 503 -1.55 28.11 -24.13
N GLN B 504 -2.77 27.60 -24.28
CA GLN B 504 -3.25 26.46 -23.53
C GLN B 504 -3.79 25.43 -24.50
N VAL B 505 -3.61 24.15 -24.18
CA VAL B 505 -3.96 23.04 -25.06
C VAL B 505 -5.07 22.22 -24.43
N GLY B 506 -6.12 21.95 -25.19
CA GLY B 506 -7.24 21.18 -24.69
C GLY B 506 -7.64 20.01 -25.59
N VAL B 507 -7.58 18.80 -25.05
CA VAL B 507 -7.85 17.57 -25.79
C VAL B 507 -8.92 16.80 -25.05
N GLY B 508 -10.00 16.44 -25.73
CA GLY B 508 -10.98 15.57 -25.12
C GLY B 508 -12.35 15.79 -25.71
N ILE B 509 -13.35 15.30 -24.98
CA ILE B 509 -14.74 15.26 -25.42
C ILE B 509 -15.58 16.33 -24.72
N SER B 510 -15.61 16.30 -23.39
CA SER B 510 -16.44 17.21 -22.61
C SER B 510 -15.75 18.57 -22.57
N PHE B 511 -16.40 19.57 -23.14
CA PHE B 511 -15.93 20.94 -23.14
C PHE B 511 -17.07 21.88 -22.77
N LEU B 512 -16.72 23.01 -22.19
CA LEU B 512 -17.71 24.02 -21.87
C LEU B 512 -17.37 25.35 -22.54
N MET C 1 -7.04 -13.44 11.09
CA MET C 1 -5.96 -14.13 10.39
C MET C 1 -6.47 -15.37 9.67
N SER C 2 -5.74 -15.78 8.63
CA SER C 2 -6.04 -17.00 7.90
C SER C 2 -5.36 -18.22 8.51
N SER C 3 -5.00 -18.14 9.80
CA SER C 3 -4.24 -19.10 10.62
C SER C 3 -2.79 -19.23 10.18
N ALA C 4 -2.36 -18.52 9.16
CA ALA C 4 -0.96 -18.44 8.77
C ALA C 4 -0.28 -17.20 9.30
N TRP C 5 -1.02 -16.33 9.97
CA TRP C 5 -0.51 -15.11 10.59
C TRP C 5 -0.76 -15.10 12.09
N SER C 6 -0.75 -16.27 12.71
CA SER C 6 -1.03 -16.39 14.12
C SER C 6 -0.06 -17.37 14.75
N HIS C 7 0.02 -17.33 16.07
CA HIS C 7 0.73 -18.34 16.82
C HIS C 7 0.06 -19.68 16.60
N PRO C 8 0.82 -20.77 16.50
CA PRO C 8 0.21 -22.09 16.27
C PRO C 8 -0.61 -22.57 17.46
N GLN C 9 -1.63 -23.37 17.17
CA GLN C 9 -2.62 -23.81 18.14
C GLN C 9 -2.31 -25.23 18.55
N PHE C 10 -2.04 -25.45 19.83
CA PHE C 10 -1.61 -26.74 20.33
C PHE C 10 -2.75 -27.43 21.06
N GLU C 11 -2.86 -28.74 20.84
CA GLU C 11 -3.92 -29.54 21.45
C GLU C 11 -3.71 -29.66 22.95
N LYS C 12 -4.75 -30.13 23.64
CA LYS C 12 -4.68 -30.29 25.08
C LYS C 12 -4.87 -31.75 25.47
N ALA C 36 25.34 -36.70 21.80
CA ALA C 36 25.66 -37.09 20.43
C ALA C 36 24.95 -36.19 19.43
N VAL C 37 25.19 -34.89 19.52
CA VAL C 37 24.54 -33.94 18.64
C VAL C 37 25.20 -33.93 17.28
N GLN C 38 24.50 -33.35 16.31
CA GLN C 38 24.98 -33.16 14.95
C GLN C 38 24.65 -31.74 14.53
N LEU C 39 25.64 -30.99 14.09
CA LEU C 39 25.44 -29.60 13.72
C LEU C 39 25.39 -29.50 12.20
N HIS C 40 24.25 -29.11 11.67
CA HIS C 40 24.13 -28.79 10.27
C HIS C 40 24.61 -27.37 10.06
N VAL C 41 25.45 -27.17 9.06
CA VAL C 41 26.10 -25.88 8.81
C VAL C 41 26.21 -25.73 7.31
N TRP C 42 26.74 -24.60 6.85
CA TRP C 42 27.14 -24.43 5.46
C TRP C 42 28.49 -25.10 5.25
N GLY C 43 29.14 -24.80 4.14
CA GLY C 43 30.38 -25.47 3.84
C GLY C 43 31.57 -24.58 4.01
N PRO C 44 32.76 -25.16 4.01
CA PRO C 44 33.98 -24.37 4.20
C PRO C 44 34.27 -23.44 3.03
N ALA C 45 34.66 -22.21 3.37
CA ALA C 45 35.03 -21.23 2.37
C ALA C 45 36.00 -20.25 2.99
N PHE C 46 36.89 -19.72 2.16
CA PHE C 46 37.90 -18.72 2.49
C PHE C 46 38.91 -19.20 3.52
N GLY C 47 39.15 -20.51 3.60
CA GLY C 47 40.02 -21.03 4.64
C GLY C 47 39.38 -21.12 6.00
N LEU C 48 38.09 -20.86 6.10
CA LEU C 48 37.28 -20.94 7.30
C LEU C 48 36.38 -22.15 7.22
N PRO C 49 35.95 -22.69 8.37
CA PRO C 49 35.08 -23.88 8.35
C PRO C 49 33.66 -23.63 7.87
N SER C 50 33.23 -22.38 7.69
CA SER C 50 31.90 -22.12 7.14
C SER C 50 31.91 -20.78 6.43
N ILE C 51 30.87 -20.56 5.63
CA ILE C 51 30.71 -19.30 4.90
C ILE C 51 29.66 -18.39 5.55
N ASP C 52 28.88 -18.90 6.49
CA ASP C 52 27.98 -18.04 7.24
C ASP C 52 28.68 -17.56 8.50
N ALA C 53 28.19 -16.46 9.05
CA ALA C 53 28.75 -15.93 10.29
C ALA C 53 28.19 -16.66 11.49
N GLU C 54 26.89 -16.95 11.48
CA GLU C 54 26.27 -17.66 12.58
C GLU C 54 26.65 -19.13 12.59
N CYS C 55 26.87 -19.71 11.40
CA CYS C 55 27.35 -21.08 11.34
C CYS C 55 28.77 -21.21 11.83
N LEU C 56 29.64 -20.26 11.46
CA LEU C 56 31.02 -20.27 11.95
C LEU C 56 31.08 -20.02 13.45
N ALA C 57 30.19 -19.15 13.95
CA ALA C 57 30.04 -18.96 15.39
C ALA C 57 29.63 -20.23 16.10
N ALA C 58 28.66 -20.96 15.54
CA ALA C 58 28.17 -22.18 16.17
C ALA C 58 29.21 -23.29 16.14
N ILE C 59 29.96 -23.40 15.03
CA ILE C 59 31.08 -24.34 14.93
C ILE C 59 32.14 -24.02 15.97
N ALA C 60 32.44 -22.73 16.17
CA ALA C 60 33.45 -22.35 17.15
C ALA C 60 32.99 -22.62 18.57
N TYR C 61 31.71 -22.38 18.86
CA TYR C 61 31.18 -22.64 20.20
C TYR C 61 31.19 -24.12 20.53
N LEU C 62 30.75 -24.96 19.59
CA LEU C 62 30.76 -26.40 19.83
C LEU C 62 32.18 -26.96 19.88
N ALA C 63 33.12 -26.39 19.12
CA ALA C 63 34.50 -26.85 19.20
C ALA C 63 35.15 -26.46 20.51
N GLN C 64 34.77 -25.32 21.08
CA GLN C 64 35.31 -24.93 22.37
C GLN C 64 34.70 -25.75 23.50
N THR C 65 33.37 -25.84 23.56
CA THR C 65 32.70 -26.52 24.66
C THR C 65 32.81 -28.04 24.54
N LEU C 66 32.25 -28.61 23.49
CA LEU C 66 32.21 -30.06 23.34
C LEU C 66 33.55 -30.61 22.85
N GLY C 67 33.72 -31.91 23.05
CA GLY C 67 34.84 -32.61 22.47
C GLY C 67 34.47 -33.24 21.15
N SER C 68 35.47 -33.55 20.33
CA SER C 68 35.22 -34.00 18.96
C SER C 68 34.65 -35.41 18.88
N ALA C 69 34.63 -36.15 19.99
CA ALA C 69 33.92 -37.41 20.05
C ALA C 69 32.49 -37.26 20.55
N ASP C 70 32.03 -36.04 20.79
CA ASP C 70 30.67 -35.78 21.23
C ASP C 70 29.77 -35.26 20.13
N TYR C 71 30.29 -34.46 19.20
CA TYR C 71 29.46 -33.84 18.17
C TYR C 71 29.97 -34.22 16.79
N GLN C 72 29.17 -33.86 15.78
CA GLN C 72 29.52 -34.03 14.38
C GLN C 72 29.10 -32.78 13.61
N LEU C 73 29.64 -32.64 12.41
CA LEU C 73 29.36 -31.49 11.55
C LEU C 73 28.89 -32.01 10.20
N ILE C 74 27.69 -31.61 9.79
CA ILE C 74 27.08 -32.06 8.55
C ILE C 74 26.93 -30.86 7.65
N GLN C 75 27.39 -30.98 6.41
CA GLN C 75 27.25 -29.91 5.44
C GLN C 75 25.86 -29.96 4.82
N SER C 76 25.16 -28.83 4.80
CA SER C 76 23.75 -28.82 4.48
C SER C 76 23.39 -27.54 3.73
N SER C 77 22.12 -27.40 3.43
CA SER C 77 21.49 -26.20 2.88
C SER C 77 20.21 -25.97 3.66
N PRO C 78 19.63 -24.76 3.61
CA PRO C 78 18.36 -24.54 4.33
C PRO C 78 17.18 -25.34 3.79
N SER C 79 17.28 -25.95 2.62
CA SER C 79 16.26 -26.85 2.10
C SER C 79 16.48 -28.28 2.54
N ALA C 80 17.55 -28.57 3.28
CA ALA C 80 17.79 -29.92 3.76
C ALA C 80 17.39 -30.11 5.22
N VAL C 81 17.05 -29.03 5.91
CA VAL C 81 16.60 -29.09 7.30
C VAL C 81 15.18 -28.54 7.36
N PRO C 82 14.33 -29.03 8.28
CA PRO C 82 12.97 -28.47 8.38
C PRO C 82 12.93 -27.10 9.04
N THR C 83 13.99 -26.70 9.73
CA THR C 83 14.01 -25.40 10.37
C THR C 83 14.16 -24.27 9.35
N GLN C 84 14.66 -24.56 8.16
CA GLN C 84 14.93 -23.63 7.06
C GLN C 84 15.86 -22.48 7.46
N HIS C 85 16.66 -22.72 8.49
CA HIS C 85 17.63 -21.77 9.00
C HIS C 85 18.84 -22.61 9.31
N LEU C 86 19.96 -22.36 8.63
CA LEU C 86 20.96 -23.41 8.58
C LEU C 86 21.80 -23.69 9.82
N PRO C 87 22.20 -22.72 10.69
CA PRO C 87 22.87 -23.17 11.91
C PRO C 87 21.86 -23.87 12.81
N THR C 88 21.93 -25.20 12.81
CA THR C 88 20.83 -26.05 13.25
C THR C 88 21.37 -27.28 13.94
N LEU C 89 20.84 -27.59 15.12
CA LEU C 89 21.25 -28.75 15.90
C LEU C 89 20.20 -29.83 15.82
N TYR C 90 20.64 -31.08 15.76
CA TYR C 90 19.75 -32.23 15.86
C TYR C 90 20.25 -33.08 17.02
N ASP C 91 19.57 -32.98 18.16
CA ASP C 91 19.96 -33.75 19.34
C ASP C 91 19.41 -35.16 19.18
N SER C 92 20.30 -36.14 19.07
CA SER C 92 19.89 -37.51 18.81
C SER C 92 19.28 -38.20 20.02
N ARG C 93 19.39 -37.62 21.20
CA ARG C 93 18.79 -38.21 22.40
C ARG C 93 17.28 -38.07 22.38
N THR C 94 16.77 -36.93 21.92
CA THR C 94 15.34 -36.65 21.92
C THR C 94 14.77 -36.30 20.55
N SER C 95 15.59 -36.34 19.49
CA SER C 95 15.18 -36.06 18.11
C SER C 95 14.61 -34.65 17.95
N THR C 96 15.23 -33.69 18.60
CA THR C 96 14.78 -32.30 18.60
C THR C 96 15.53 -31.51 17.54
N TRP C 97 14.85 -30.56 16.92
CA TRP C 97 15.41 -29.69 15.89
C TRP C 97 15.47 -28.27 16.45
N ILE C 98 16.67 -27.71 16.52
CA ILE C 98 16.89 -26.38 17.12
C ILE C 98 17.61 -25.52 16.10
N GLY C 99 17.04 -24.38 15.76
CA GLY C 99 17.60 -23.51 14.73
C GLY C 99 18.00 -22.15 15.29
N GLY C 100 19.16 -21.67 14.88
CA GLY C 100 19.69 -20.38 15.27
C GLY C 100 20.81 -20.53 16.28
N PHE C 101 21.72 -19.56 16.29
CA PHE C 101 22.87 -19.63 17.18
C PHE C 101 22.46 -19.37 18.63
N THR C 102 21.59 -18.39 18.86
CA THR C 102 21.18 -18.08 20.22
C THR C 102 20.29 -19.17 20.78
N SER C 103 19.54 -19.85 19.92
CA SER C 103 18.75 -20.99 20.37
C SER C 103 19.63 -22.19 20.69
N ILE C 104 20.67 -22.43 19.88
CA ILE C 104 21.61 -23.52 20.11
C ILE C 104 22.39 -23.29 21.40
N THR C 105 22.77 -22.05 21.68
CA THR C 105 23.46 -21.76 22.93
C THR C 105 22.51 -21.61 24.12
N ALA C 106 21.21 -21.42 23.87
CA ALA C 106 20.23 -21.53 24.95
C ALA C 106 20.06 -22.98 25.37
N HIS C 107 20.00 -23.88 24.38
CA HIS C 107 20.28 -25.30 24.55
C HIS C 107 21.75 -25.48 24.93
N LEU C 108 22.16 -26.73 25.18
CA LEU C 108 23.58 -27.11 25.35
C LEU C 108 24.28 -26.36 26.47
N HIS C 109 23.54 -25.94 27.49
CA HIS C 109 24.08 -25.00 28.46
C HIS C 109 24.29 -25.64 29.82
N ALA C 139 30.01 -9.51 37.71
CA ALA C 139 29.47 -10.80 37.29
C ALA C 139 28.18 -10.61 36.50
N ALA C 140 27.25 -9.87 37.08
CA ALA C 140 25.99 -9.58 36.40
C ALA C 140 26.17 -8.55 35.29
N SER C 141 27.16 -7.67 35.44
CA SER C 141 27.49 -6.77 34.34
C SER C 141 28.13 -7.51 33.19
N ALA C 142 28.83 -8.61 33.46
CA ALA C 142 29.38 -9.43 32.39
C ALA C 142 28.28 -10.13 31.61
N THR C 143 27.24 -10.60 32.30
CA THR C 143 26.11 -11.25 31.62
C THR C 143 25.28 -10.23 30.85
N ALA C 144 25.06 -9.04 31.43
CA ALA C 144 24.31 -8.01 30.73
C ALA C 144 25.09 -7.47 29.53
N ASP C 145 26.42 -7.42 29.63
CA ASP C 145 27.24 -7.03 28.50
C ASP C 145 27.23 -8.10 27.41
N GLY C 146 27.23 -9.37 27.80
CA GLY C 146 27.10 -10.43 26.81
C GLY C 146 25.79 -10.38 26.05
N THR C 147 24.69 -10.13 26.76
CA THR C 147 23.38 -10.00 26.11
C THR C 147 23.32 -8.78 25.19
N ALA C 148 23.85 -7.64 25.66
CA ALA C 148 23.84 -6.41 24.87
C ALA C 148 24.68 -6.54 23.60
N TYR C 149 25.88 -7.11 23.71
CA TYR C 149 26.74 -7.20 22.54
C TYR C 149 26.29 -8.30 21.59
N THR C 150 25.62 -9.34 22.10
CA THR C 150 24.98 -10.31 21.21
C THR C 150 23.89 -9.65 20.38
N ALA C 151 23.03 -8.87 21.04
CA ALA C 151 21.97 -8.16 20.32
C ALA C 151 22.51 -7.08 19.41
N PHE C 152 23.67 -6.51 19.72
CA PHE C 152 24.26 -5.50 18.86
C PHE C 152 24.94 -6.10 17.64
N LEU C 153 25.68 -7.20 17.82
CA LEU C 153 26.36 -7.84 16.70
C LEU C 153 25.36 -8.46 15.74
N SER C 154 24.24 -8.99 16.26
CA SER C 154 23.23 -9.55 15.37
C SER C 154 22.50 -8.48 14.57
N ALA C 155 22.45 -7.24 15.05
CA ALA C 155 21.59 -6.22 14.49
C ALA C 155 22.34 -5.12 13.75
N HIS C 156 23.60 -4.85 14.07
CA HIS C 156 24.34 -3.78 13.43
C HIS C 156 25.63 -4.22 12.76
N ALA C 157 26.16 -5.39 13.08
CA ALA C 157 27.30 -5.93 12.36
C ALA C 157 26.89 -6.93 11.30
N ALA C 158 25.65 -7.35 11.29
CA ALA C 158 25.17 -8.23 10.24
C ALA C 158 24.85 -7.49 8.93
N PRO C 159 24.28 -6.27 8.91
CA PRO C 159 24.21 -5.55 7.64
C PRO C 159 25.51 -4.91 7.16
N LEU C 160 26.63 -5.10 7.84
CA LEU C 160 27.89 -4.55 7.37
C LEU C 160 28.70 -5.57 6.58
N LEU C 161 28.76 -6.80 7.09
CA LEU C 161 29.25 -7.93 6.32
C LEU C 161 28.38 -8.19 5.10
N ALA C 162 27.08 -7.90 5.21
CA ALA C 162 26.17 -8.01 4.07
C ALA C 162 26.56 -7.04 2.96
N LEU C 163 26.79 -5.77 3.32
CA LEU C 163 27.27 -4.78 2.35
C LEU C 163 28.63 -5.15 1.77
N SER C 164 29.48 -5.79 2.57
CA SER C 164 30.79 -6.18 2.06
C SER C 164 30.70 -7.32 1.06
N LEU C 165 29.88 -8.33 1.35
CA LEU C 165 29.98 -9.61 0.65
C LEU C 165 28.83 -9.94 -0.29
N TYR C 166 27.66 -9.37 -0.10
CA TYR C 166 26.49 -9.79 -0.86
C TYR C 166 25.87 -8.66 -1.65
N VAL C 167 25.88 -7.44 -1.12
CA VAL C 167 25.33 -6.30 -1.85
C VAL C 167 26.30 -5.82 -2.92
N SER C 168 27.59 -5.78 -2.60
CA SER C 168 28.60 -5.39 -3.58
C SER C 168 28.71 -6.46 -4.65
N SER C 169 28.20 -6.16 -5.84
CA SER C 169 28.06 -7.15 -6.89
C SER C 169 29.35 -7.41 -7.65
N ALA C 170 30.44 -6.75 -7.31
CA ALA C 170 31.75 -7.19 -7.75
C ALA C 170 32.41 -8.10 -6.75
N ASN C 171 31.98 -8.02 -5.49
CA ASN C 171 32.44 -8.92 -4.44
C ASN C 171 31.67 -10.24 -4.48
N TYR C 172 30.35 -10.15 -4.63
CA TYR C 172 29.51 -11.35 -4.67
C TYR C 172 29.80 -12.18 -5.91
N GLY C 173 29.84 -11.55 -7.08
CA GLY C 173 30.00 -12.29 -8.31
C GLY C 173 31.38 -12.90 -8.51
N ALA C 174 32.38 -12.43 -7.79
CA ALA C 174 33.75 -12.87 -8.00
C ALA C 174 34.34 -13.64 -6.83
N ALA C 175 33.81 -13.47 -5.63
CA ALA C 175 34.30 -14.17 -4.45
C ALA C 175 33.23 -14.99 -3.75
N THR C 176 32.05 -14.40 -3.52
CA THR C 176 31.08 -15.00 -2.60
C THR C 176 30.26 -16.10 -3.28
N ARG C 177 29.73 -15.82 -4.46
CA ARG C 177 28.94 -16.79 -5.20
C ARG C 177 29.71 -18.05 -5.63
N PRO C 178 30.98 -18.01 -6.08
CA PRO C 178 31.67 -19.29 -6.32
C PRO C 178 31.91 -20.11 -5.07
N ALA C 179 32.14 -19.46 -3.92
CA ALA C 179 32.33 -20.21 -2.70
C ALA C 179 31.02 -20.79 -2.19
N TYR C 180 29.89 -20.13 -2.47
CA TYR C 180 28.59 -20.71 -2.17
C TYR C 180 28.28 -21.87 -3.09
N SER C 181 28.65 -21.77 -4.36
CA SER C 181 28.35 -22.81 -5.31
C SER C 181 29.23 -24.03 -5.16
N ALA C 182 30.39 -23.89 -4.53
CA ALA C 182 31.28 -25.05 -4.39
C ALA C 182 30.91 -25.98 -3.24
N VAL C 183 29.82 -25.73 -2.52
CA VAL C 183 29.41 -26.56 -1.40
C VAL C 183 28.02 -27.15 -1.56
N LEU C 184 27.31 -26.82 -2.63
CA LEU C 184 26.00 -27.39 -2.91
C LEU C 184 26.08 -28.39 -4.05
N PRO C 185 25.15 -29.34 -4.12
CA PRO C 185 25.14 -30.28 -5.25
C PRO C 185 24.53 -29.68 -6.51
N LEU C 186 24.91 -30.28 -7.64
CA LEU C 186 25.05 -29.54 -8.91
C LEU C 186 23.83 -28.82 -9.47
N PRO C 187 22.56 -29.24 -9.28
CA PRO C 187 21.47 -28.36 -9.71
C PRO C 187 21.01 -27.33 -8.70
N LEU C 188 21.46 -27.41 -7.45
CA LEU C 188 21.05 -26.50 -6.38
C LEU C 188 21.65 -25.09 -6.40
N PRO C 189 22.93 -24.81 -6.83
CA PRO C 189 23.37 -23.42 -6.79
C PRO C 189 22.87 -22.55 -7.94
N TRP C 190 21.63 -22.73 -8.34
CA TRP C 190 20.93 -21.80 -9.21
C TRP C 190 19.69 -21.25 -8.53
N THR C 191 19.27 -21.85 -7.43
CA THR C 191 18.06 -21.46 -6.70
C THR C 191 18.35 -20.94 -5.31
N GLU C 192 19.32 -21.52 -4.60
CA GLU C 192 19.57 -21.11 -3.24
C GLU C 192 20.46 -19.87 -3.06
N PRO C 193 21.58 -19.67 -3.77
CA PRO C 193 22.34 -18.41 -3.59
C PRO C 193 21.61 -17.15 -4.01
N PRO C 194 20.68 -17.15 -5.00
CA PRO C 194 19.81 -15.97 -5.14
C PRO C 194 18.95 -15.65 -3.93
N ALA C 195 18.43 -16.67 -3.26
CA ALA C 195 17.60 -16.43 -2.08
C ALA C 195 18.45 -15.94 -0.91
N VAL C 196 19.66 -16.48 -0.79
CA VAL C 196 20.58 -16.04 0.26
C VAL C 196 21.02 -14.60 0.04
N ARG C 197 21.37 -14.26 -1.20
CA ARG C 197 21.79 -12.89 -1.52
C ARG C 197 20.63 -11.92 -1.39
N ALA C 198 19.41 -12.36 -1.70
CA ALA C 198 18.25 -11.50 -1.54
C ALA C 198 17.98 -11.20 -0.08
N ALA C 199 18.12 -12.20 0.79
CA ALA C 199 17.90 -11.98 2.21
C ALA C 199 18.98 -11.09 2.82
N MET C 200 20.24 -11.31 2.44
CA MET C 200 21.30 -10.47 2.98
C MET C 200 21.24 -9.04 2.43
N ALA C 201 20.77 -8.85 1.20
CA ALA C 201 20.57 -7.50 0.70
C ALA C 201 19.39 -6.82 1.36
N ARG C 202 18.36 -7.57 1.75
CA ARG C 202 17.27 -7.00 2.54
C ARG C 202 17.77 -6.58 3.92
N ARG C 203 18.63 -7.39 4.54
CA ARG C 203 19.16 -7.03 5.84
C ARG C 203 20.10 -5.84 5.78
N ALA C 204 20.83 -5.69 4.67
CA ALA C 204 21.76 -4.58 4.50
C ALA C 204 21.10 -3.25 4.20
N ALA C 205 19.77 -3.20 4.12
CA ALA C 205 19.07 -1.93 3.99
C ALA C 205 19.04 -1.23 5.35
N HIS C 206 18.27 -0.14 5.42
CA HIS C 206 18.28 0.82 6.54
C HIS C 206 19.69 1.36 6.81
N LEU C 207 20.51 1.43 5.76
CA LEU C 207 21.84 1.99 5.82
C LEU C 207 22.08 3.03 4.73
N GLY C 208 21.20 3.12 3.74
CA GLY C 208 21.33 4.12 2.69
C GLY C 208 22.46 3.85 1.72
N LEU C 209 22.94 2.62 1.64
CA LEU C 209 24.09 2.28 0.81
C LEU C 209 23.75 1.12 -0.10
N SER C 210 24.43 1.07 -1.25
CA SER C 210 24.21 0.03 -2.24
C SER C 210 25.46 -0.09 -3.09
N SER C 211 25.34 -0.79 -4.21
CA SER C 211 26.46 -1.02 -5.13
C SER C 211 26.34 -0.04 -6.29
N LEU C 212 27.03 1.09 -6.19
CA LEU C 212 27.05 2.07 -7.27
C LEU C 212 28.35 2.85 -7.26
N LYS C 271 33.57 10.73 -2.97
CA LYS C 271 33.76 9.61 -3.88
C LYS C 271 32.74 8.53 -3.63
N SER C 272 31.83 8.81 -2.68
CA SER C 272 30.87 7.84 -2.11
C SER C 272 31.57 6.61 -1.54
N ARG C 273 32.78 6.80 -1.01
CA ARG C 273 33.44 5.80 -0.20
C ARG C 273 33.56 6.20 1.25
N ILE C 274 33.48 7.50 1.56
CA ILE C 274 33.50 7.93 2.95
C ILE C 274 32.19 7.60 3.65
N ARG C 275 31.12 7.34 2.90
CA ARG C 275 29.88 6.86 3.51
C ARG C 275 30.06 5.44 4.05
N LEU C 276 30.74 4.58 3.28
CA LEU C 276 31.07 3.24 3.75
C LEU C 276 31.97 3.28 4.96
N GLU C 277 32.94 4.19 4.96
CA GLU C 277 33.88 4.28 6.08
C GLU C 277 33.20 4.80 7.35
N GLU C 278 32.26 5.74 7.20
CA GLU C 278 31.53 6.21 8.37
C GLU C 278 30.58 5.14 8.90
N ALA C 279 29.87 4.44 8.01
CA ALA C 279 28.96 3.39 8.44
C ALA C 279 29.67 2.15 8.94
N ALA C 280 30.97 2.00 8.65
CA ALA C 280 31.73 0.92 9.24
C ALA C 280 32.41 1.31 10.53
N ARG C 281 32.78 2.59 10.68
CA ARG C 281 33.27 3.08 11.95
C ARG C 281 32.18 3.07 13.01
N GLU C 282 30.92 3.28 12.62
CA GLU C 282 29.80 3.25 13.56
C GLU C 282 29.57 1.89 14.19
N VAL C 283 30.08 0.81 13.58
CA VAL C 283 30.01 -0.52 14.16
C VAL C 283 31.32 -0.91 14.83
N LEU C 284 32.44 -0.61 14.19
CA LEU C 284 33.71 -1.05 14.73
C LEU C 284 34.16 -0.25 15.95
N ASP C 285 33.66 0.98 16.14
CA ASP C 285 33.99 1.72 17.35
C ASP C 285 33.30 1.13 18.57
N VAL C 286 32.08 0.62 18.39
CA VAL C 286 31.40 -0.07 19.49
C VAL C 286 32.08 -1.39 19.77
N LEU C 287 32.48 -2.10 18.71
CA LEU C 287 33.14 -3.39 18.93
C LEU C 287 34.56 -3.27 19.45
N ALA C 288 35.21 -2.12 19.28
CA ALA C 288 36.62 -2.01 19.66
C ALA C 288 36.85 -1.77 21.14
N GLU C 289 35.79 -1.73 21.96
CA GLU C 289 35.94 -1.46 23.38
C GLU C 289 35.61 -2.68 24.24
N VAL C 290 35.58 -3.88 23.66
CA VAL C 290 35.17 -5.07 24.38
C VAL C 290 36.36 -5.93 24.79
N ASP C 291 37.51 -5.79 24.13
CA ASP C 291 38.75 -6.51 24.44
C ASP C 291 38.53 -8.03 24.41
N TRP C 292 38.28 -8.52 23.18
CA TRP C 292 37.82 -9.88 22.98
C TRP C 292 38.92 -10.89 23.26
N ALA C 293 40.13 -10.65 22.77
CA ALA C 293 41.24 -11.59 22.97
C ALA C 293 41.98 -11.21 24.24
N ALA C 294 41.31 -11.43 25.37
CA ALA C 294 41.87 -10.95 26.62
C ALA C 294 41.38 -11.81 27.78
N GLY C 295 42.18 -11.82 28.84
CA GLY C 295 41.80 -12.35 30.12
C GLY C 295 41.82 -11.27 31.17
N GLY C 296 42.31 -10.09 30.78
CA GLY C 296 42.36 -8.96 31.68
C GLY C 296 42.28 -7.66 30.92
N GLY C 297 41.75 -6.64 31.59
CA GLY C 297 41.63 -5.31 31.03
C GLY C 297 40.41 -5.16 30.14
N GLY C 298 39.84 -3.95 30.18
CA GLY C 298 38.69 -3.62 29.36
C GLY C 298 37.43 -4.33 29.81
N ARG C 299 36.44 -4.33 28.92
CA ARG C 299 35.22 -5.09 29.16
C ARG C 299 35.51 -6.59 29.09
N GLN C 300 34.60 -7.36 29.66
CA GLN C 300 34.66 -8.82 29.61
C GLN C 300 33.28 -9.34 29.24
N VAL C 301 33.22 -10.28 28.31
CA VAL C 301 31.97 -10.92 27.95
C VAL C 301 32.09 -12.41 28.20
N ALA C 302 31.02 -13.14 27.98
CA ALA C 302 31.02 -14.58 28.14
C ALA C 302 31.73 -15.23 26.95
N ALA C 303 31.85 -16.56 27.00
CA ALA C 303 32.63 -17.25 25.98
C ALA C 303 31.89 -17.33 24.66
N GLU C 304 30.56 -17.36 24.67
CA GLU C 304 29.82 -17.57 23.42
C GLU C 304 29.71 -16.28 22.61
N VAL C 305 29.78 -15.13 23.27
CA VAL C 305 29.79 -13.85 22.58
C VAL C 305 31.09 -13.68 21.81
N ARG C 306 32.20 -14.23 22.33
CA ARG C 306 33.46 -14.17 21.62
C ARG C 306 33.44 -15.04 20.36
N CYS C 307 32.67 -16.13 20.40
CA CYS C 307 32.50 -16.96 19.20
C CYS C 307 31.66 -16.24 18.16
N LEU C 308 30.61 -15.52 18.60
CA LEU C 308 29.80 -14.76 17.66
C LEU C 308 30.58 -13.59 17.05
N ALA C 309 31.39 -12.93 17.87
CA ALA C 309 32.23 -11.84 17.37
C ALA C 309 33.30 -12.35 16.43
N PHE C 310 33.88 -13.52 16.72
CA PHE C 310 34.84 -14.13 15.81
C PHE C 310 34.19 -14.45 14.47
N GLY C 311 32.95 -14.94 14.49
CA GLY C 311 32.27 -15.30 13.25
C GLY C 311 32.06 -14.11 12.34
N TYR C 312 31.50 -13.03 12.89
CA TYR C 312 31.26 -11.83 12.08
C TYR C 312 32.57 -11.16 11.67
N LEU C 313 33.51 -10.98 12.60
CA LEU C 313 34.71 -10.24 12.30
C LEU C 313 35.66 -11.00 11.40
N ALA C 314 35.66 -12.33 11.47
CA ALA C 314 36.49 -13.13 10.59
C ALA C 314 35.90 -13.26 9.21
N LEU C 315 34.58 -13.16 9.09
CA LEU C 315 34.02 -13.07 7.76
C LEU C 315 34.21 -11.67 7.16
N MET C 316 34.38 -10.65 8.01
CA MET C 316 34.73 -9.34 7.49
C MET C 316 36.17 -9.30 6.99
N LEU C 317 37.10 -9.82 7.78
CA LEU C 317 38.51 -9.60 7.50
C LEU C 317 39.06 -10.55 6.43
N LEU C 318 39.04 -11.84 6.72
CA LEU C 318 39.77 -12.88 6.00
C LEU C 318 39.41 -13.22 4.55
N PRO C 319 38.18 -12.99 4.04
CA PRO C 319 37.96 -13.18 2.59
C PRO C 319 38.86 -12.33 1.70
N ASP C 320 39.24 -12.91 0.57
CA ASP C 320 40.10 -12.28 -0.43
C ASP C 320 39.20 -11.75 -1.54
N VAL C 321 38.96 -10.45 -1.54
CA VAL C 321 37.88 -9.85 -2.31
C VAL C 321 38.51 -8.82 -3.24
N PRO C 322 37.83 -8.49 -4.36
CA PRO C 322 38.37 -7.48 -5.28
C PRO C 322 38.01 -6.04 -4.96
N ARG C 323 37.03 -5.81 -4.11
CA ARG C 323 36.75 -4.50 -3.55
C ARG C 323 37.00 -4.55 -2.06
N PRO C 324 38.24 -4.45 -1.61
CA PRO C 324 38.52 -4.65 -0.17
C PRO C 324 38.35 -3.40 0.67
N TRP C 325 37.13 -2.90 0.78
CA TRP C 325 36.91 -1.67 1.50
C TRP C 325 36.71 -1.87 3.00
N LEU C 326 36.49 -3.09 3.46
CA LEU C 326 36.31 -3.34 4.88
C LEU C 326 37.52 -3.97 5.53
N ARG C 327 38.29 -4.75 4.77
CA ARG C 327 39.52 -5.31 5.28
C ARG C 327 40.56 -4.24 5.57
N GLU C 328 40.53 -3.14 4.83
CA GLU C 328 41.50 -2.09 5.00
C GLU C 328 41.14 -1.14 6.13
N ILE C 329 39.85 -0.92 6.38
CA ILE C 329 39.44 -0.15 7.55
C ILE C 329 39.81 -0.88 8.82
N MET C 330 39.63 -2.20 8.84
CA MET C 330 40.00 -2.98 10.01
C MET C 330 41.50 -3.07 10.16
N GLU C 331 42.23 -3.26 9.06
CA GLU C 331 43.67 -3.35 9.17
C GLU C 331 44.36 -2.02 9.38
N GLY C 332 43.66 -0.90 9.17
CA GLY C 332 44.30 0.38 9.36
C GLY C 332 43.98 1.07 10.66
N ARG C 333 42.73 1.01 11.08
CA ARG C 333 42.26 1.76 12.25
C ARG C 333 42.10 0.89 13.48
N TYR C 334 41.75 -0.39 13.32
CA TYR C 334 41.41 -1.27 14.43
C TYR C 334 42.29 -2.51 14.41
N PRO C 335 43.56 -2.39 14.80
CA PRO C 335 44.44 -3.56 14.73
C PRO C 335 44.23 -4.59 15.83
N ALA C 336 43.59 -4.22 16.94
CA ALA C 336 43.32 -5.17 18.00
C ALA C 336 42.29 -6.21 17.56
N LEU C 337 41.31 -5.83 16.75
CA LEU C 337 40.33 -6.78 16.25
C LEU C 337 40.96 -7.74 15.24
N CYS C 338 41.91 -7.25 14.44
CA CYS C 338 42.60 -8.13 13.50
C CYS C 338 43.52 -9.09 14.22
N THR C 339 44.16 -8.64 15.30
CA THR C 339 44.96 -9.55 16.12
C THR C 339 44.08 -10.60 16.79
N PHE C 340 42.88 -10.20 17.19
CA PHE C 340 41.91 -11.14 17.77
C PHE C 340 41.50 -12.21 16.77
N VAL C 341 41.22 -11.80 15.53
CA VAL C 341 40.76 -12.76 14.53
C VAL C 341 41.88 -13.72 14.14
N ARG C 342 43.10 -13.19 13.97
CA ARG C 342 44.23 -14.04 13.61
C ARG C 342 44.60 -15.02 14.73
N ASP C 343 44.55 -14.57 15.98
CA ASP C 343 44.89 -15.47 17.09
C ASP C 343 43.80 -16.49 17.38
N PHE C 344 42.52 -16.09 17.29
CA PHE C 344 41.42 -17.05 17.47
C PHE C 344 41.41 -18.10 16.36
N ARG C 345 41.70 -17.69 15.12
CA ARG C 345 41.75 -18.67 14.04
C ARG C 345 42.97 -19.58 14.16
N ALA C 346 44.09 -19.05 14.64
CA ALA C 346 45.26 -19.90 14.84
C ALA C 346 45.09 -20.87 16.01
N ARG C 347 44.24 -20.52 16.98
CA ARG C 347 44.06 -21.40 18.12
C ARG C 347 42.96 -22.43 17.90
N VAL C 348 41.77 -22.00 17.49
CA VAL C 348 40.61 -22.89 17.46
C VAL C 348 40.57 -23.71 16.18
N PHE C 349 40.89 -23.09 15.04
CA PHE C 349 40.88 -23.79 13.74
C PHE C 349 42.27 -23.77 13.09
N PRO C 350 43.21 -24.58 13.57
CA PRO C 350 44.40 -24.83 12.75
C PRO C 350 44.05 -25.80 11.63
N GLN C 351 44.85 -25.74 10.57
CA GLN C 351 44.64 -26.49 9.33
C GLN C 351 43.28 -26.21 8.69
N GLY C 352 42.76 -24.99 8.87
CA GLY C 352 41.66 -24.50 8.06
C GLY C 352 40.31 -25.12 8.32
N GLY C 353 40.12 -25.78 9.44
CA GLY C 353 38.86 -26.46 9.69
C GLY C 353 38.74 -27.79 8.98
N LYS C 354 39.79 -28.61 9.03
CA LYS C 354 39.78 -29.95 8.48
C LYS C 354 39.97 -31.02 9.52
N LEU C 355 40.38 -30.65 10.73
CA LEU C 355 40.41 -31.56 11.87
C LEU C 355 39.10 -31.57 12.64
N LEU C 356 38.09 -30.87 12.16
CA LEU C 356 36.79 -30.90 12.79
C LEU C 356 36.09 -32.23 12.46
N PRO C 357 35.25 -32.73 13.36
CA PRO C 357 34.59 -34.01 13.09
C PRO C 357 33.49 -33.91 12.03
N TRP C 358 33.89 -33.83 10.77
CA TRP C 358 32.91 -33.87 9.70
C TRP C 358 32.35 -35.27 9.57
N ALA C 359 31.10 -35.35 9.15
CA ALA C 359 30.42 -36.63 9.08
C ALA C 359 30.95 -37.45 7.90
N ASP C 360 31.04 -38.77 8.11
CA ASP C 360 31.41 -39.76 7.10
C ASP C 360 32.79 -39.53 6.48
N GLY C 361 33.69 -38.84 7.17
CA GLY C 361 35.08 -38.75 6.78
C GLY C 361 35.57 -37.36 6.42
N GLY C 362 34.78 -36.56 5.70
CA GLY C 362 35.28 -35.29 5.22
C GLY C 362 34.18 -34.27 5.09
N ALA C 363 34.58 -33.05 4.74
CA ALA C 363 33.63 -31.93 4.70
C ALA C 363 32.66 -32.04 3.56
N GLN C 364 33.07 -32.65 2.46
CA GLN C 364 32.23 -32.79 1.28
C GLN C 364 31.49 -34.12 1.27
N ALA C 365 32.04 -35.14 1.91
CA ALA C 365 31.38 -36.42 2.09
C ALA C 365 30.39 -36.43 3.25
N SER C 366 30.24 -35.31 3.95
CA SER C 366 29.24 -35.18 5.00
C SER C 366 27.88 -34.78 4.46
N ALA C 367 27.83 -34.26 3.23
CA ALA C 367 26.58 -33.91 2.59
C ALA C 367 25.94 -35.09 1.86
N SER C 368 26.68 -36.18 1.65
CA SER C 368 26.24 -37.28 0.80
C SER C 368 25.10 -38.09 1.38
N ALA C 369 24.73 -37.88 2.65
CA ALA C 369 23.60 -38.59 3.23
C ALA C 369 22.28 -37.99 2.74
N SER C 370 22.08 -36.69 2.95
CA SER C 370 20.84 -36.04 2.57
C SER C 370 20.88 -35.46 1.16
N ALA C 371 21.85 -35.87 0.35
CA ALA C 371 21.94 -35.44 -1.05
C ALA C 371 22.02 -36.68 -1.93
N SER C 372 20.85 -37.23 -2.24
CA SER C 372 20.69 -38.27 -3.25
C SER C 372 20.05 -37.64 -4.47
N ALA C 373 19.65 -38.47 -5.44
CA ALA C 373 18.97 -37.92 -6.61
C ALA C 373 17.58 -37.44 -6.25
N SER C 374 16.86 -38.22 -5.44
CA SER C 374 15.47 -37.91 -5.10
C SER C 374 15.38 -36.67 -4.21
N ALA C 375 16.24 -36.58 -3.19
CA ALA C 375 16.15 -35.50 -2.23
C ALA C 375 16.55 -34.17 -2.85
N VAL C 376 17.66 -34.15 -3.61
CA VAL C 376 18.13 -32.95 -4.28
C VAL C 376 17.13 -32.52 -5.35
N ALA C 377 16.53 -33.49 -6.04
CA ALA C 377 15.52 -33.19 -7.04
C ALA C 377 14.30 -32.55 -6.42
N LEU C 378 13.88 -33.04 -5.25
CA LEU C 378 12.73 -32.48 -4.56
C LEU C 378 13.01 -31.08 -4.03
N ARG C 379 14.23 -30.85 -3.52
CA ARG C 379 14.63 -29.51 -3.07
C ARG C 379 14.58 -28.51 -4.21
N PHE C 380 15.13 -28.88 -5.36
CA PHE C 380 15.12 -28.01 -6.52
C PHE C 380 13.71 -27.79 -7.06
N VAL C 381 12.87 -28.83 -7.04
CA VAL C 381 11.51 -28.73 -7.55
C VAL C 381 10.67 -27.81 -6.66
N ARG C 382 10.85 -27.89 -5.35
CA ARG C 382 10.13 -27.00 -4.45
C ARG C 382 10.64 -25.56 -4.56
N ALA C 383 11.95 -25.39 -4.78
CA ALA C 383 12.47 -24.04 -4.97
C ALA C 383 12.03 -23.42 -6.29
N VAL C 384 11.71 -24.26 -7.28
CA VAL C 384 11.17 -23.78 -8.55
C VAL C 384 9.68 -23.47 -8.42
N MET C 385 8.93 -24.29 -7.67
CA MET C 385 7.49 -24.12 -7.51
C MET C 385 7.10 -22.86 -6.75
N ALA C 386 8.03 -22.24 -6.03
CA ALA C 386 7.72 -21.05 -5.25
C ALA C 386 7.83 -19.75 -6.04
N GLU C 387 8.22 -19.82 -7.31
CA GLU C 387 8.39 -18.63 -8.13
C GLU C 387 7.33 -18.47 -9.20
N VAL C 388 6.40 -19.43 -9.30
CA VAL C 388 5.19 -19.34 -10.12
C VAL C 388 4.41 -18.11 -9.69
N PRO C 389 3.96 -17.24 -10.62
CA PRO C 389 3.59 -15.86 -10.24
C PRO C 389 2.35 -15.73 -9.38
N LEU C 390 1.51 -16.75 -9.27
CA LEU C 390 0.28 -16.61 -8.51
C LEU C 390 0.16 -17.60 -7.36
N VAL C 391 0.50 -18.86 -7.57
CA VAL C 391 0.35 -19.89 -6.55
C VAL C 391 1.62 -20.14 -5.77
N GLY C 392 2.73 -19.48 -6.16
CA GLY C 392 4.01 -19.70 -5.49
C GLY C 392 4.12 -19.05 -4.14
N GLU C 393 3.25 -18.08 -3.83
CA GLU C 393 3.19 -17.56 -2.48
C GLU C 393 2.53 -18.55 -1.54
N TRP C 394 1.43 -19.16 -1.99
CA TRP C 394 0.64 -20.00 -1.11
C TRP C 394 1.22 -21.39 -0.99
N TRP C 395 1.94 -21.86 -2.01
CA TRP C 395 2.76 -23.05 -1.84
C TRP C 395 3.83 -22.84 -0.79
N SER C 396 4.48 -21.68 -0.83
CA SER C 396 5.56 -21.38 0.12
C SER C 396 5.03 -21.24 1.54
N ARG C 397 3.87 -20.62 1.70
CA ARG C 397 3.25 -20.49 3.01
C ARG C 397 2.79 -21.83 3.56
N TRP C 398 2.19 -22.67 2.71
CA TRP C 398 1.74 -23.98 3.17
C TRP C 398 2.92 -24.88 3.53
N TRP C 399 4.00 -24.82 2.76
CA TRP C 399 5.15 -25.67 3.04
C TRP C 399 5.90 -25.20 4.28
N THR C 400 6.00 -23.87 4.47
CA THR C 400 6.63 -23.34 5.67
C THR C 400 5.84 -23.68 6.93
N ALA C 401 4.50 -23.63 6.83
CA ALA C 401 3.65 -24.02 7.95
C ALA C 401 3.79 -25.50 8.27
N ARG C 402 3.94 -26.33 7.24
CA ARG C 402 4.11 -27.77 7.45
C ARG C 402 5.43 -28.07 8.14
N LYS C 403 6.50 -27.40 7.70
CA LYS C 403 7.80 -27.63 8.31
C LYS C 403 7.87 -27.09 9.72
N LYS C 404 7.18 -25.99 10.00
CA LYS C 404 7.09 -25.50 11.37
C LYS C 404 6.33 -26.47 12.26
N ARG C 405 5.23 -27.05 11.76
CA ARG C 405 4.49 -28.06 12.50
C ARG C 405 5.35 -29.26 12.84
N GLU C 406 6.21 -29.69 11.91
CA GLU C 406 7.03 -30.86 12.23
C GLU C 406 8.21 -30.54 13.14
N VAL C 407 8.73 -29.31 13.09
CA VAL C 407 9.75 -28.89 14.06
C VAL C 407 9.15 -28.79 15.46
N LEU C 408 7.92 -28.28 15.56
CA LEU C 408 7.24 -28.19 16.85
C LEU C 408 6.91 -29.56 17.42
N ALA C 409 6.51 -30.50 16.57
CA ALA C 409 6.28 -31.86 17.05
C ALA C 409 7.60 -32.52 17.48
N SER C 410 8.71 -32.18 16.83
CA SER C 410 10.02 -32.64 17.29
C SER C 410 10.39 -32.06 18.65
N LYS C 411 9.96 -30.83 18.92
CA LYS C 411 10.26 -30.20 20.22
C LYS C 411 9.54 -30.90 21.36
N GLY C 412 8.28 -31.25 21.17
CA GLY C 412 7.50 -31.93 22.18
C GLY C 412 6.05 -31.48 22.19
N ALA C 413 5.76 -30.45 21.41
CA ALA C 413 4.42 -29.90 21.32
C ALA C 413 3.52 -30.82 20.49
N LYS C 414 2.23 -30.52 20.47
CA LYS C 414 1.24 -31.32 19.74
C LYS C 414 0.24 -30.40 19.05
N PRO C 415 0.65 -29.74 17.97
CA PRO C 415 -0.18 -28.68 17.39
C PRO C 415 -1.35 -29.23 16.60
N ALA C 416 -2.29 -28.35 16.27
CA ALA C 416 -3.43 -28.72 15.46
C ALA C 416 -3.10 -28.52 13.99
N PRO C 417 -2.99 -29.59 13.20
CA PRO C 417 -2.45 -29.44 11.84
C PRO C 417 -3.50 -29.13 10.78
N SER C 418 -4.78 -29.35 11.10
CA SER C 418 -5.85 -29.39 10.11
C SER C 418 -6.19 -27.96 9.66
N ASN C 419 -5.33 -27.40 8.82
CA ASN C 419 -5.63 -26.15 8.13
C ASN C 419 -4.88 -26.16 6.80
N ASP C 420 -5.56 -26.59 5.74
CA ASP C 420 -4.96 -26.66 4.41
C ASP C 420 -5.54 -25.63 3.48
N LEU C 421 -6.07 -24.52 4.02
CA LEU C 421 -6.66 -23.47 3.21
C LEU C 421 -5.63 -22.68 2.42
N LEU C 422 -4.35 -22.78 2.78
CA LEU C 422 -3.31 -22.14 1.99
C LEU C 422 -3.12 -22.87 0.66
N LEU C 423 -2.98 -24.20 0.72
CA LEU C 423 -2.84 -24.99 -0.50
C LEU C 423 -4.13 -24.99 -1.31
N LEU C 424 -5.29 -25.05 -0.64
CA LEU C 424 -6.56 -25.00 -1.36
C LEU C 424 -6.81 -23.61 -1.94
N LEU C 425 -6.34 -22.55 -1.30
CA LEU C 425 -6.48 -21.21 -1.85
C LEU C 425 -5.58 -21.03 -3.07
N GLY C 426 -4.34 -21.53 -3.01
CA GLY C 426 -3.48 -21.47 -4.17
C GLY C 426 -3.98 -22.31 -5.33
N ALA C 427 -4.50 -23.51 -5.04
CA ALA C 427 -5.07 -24.35 -6.08
C ALA C 427 -6.35 -23.73 -6.65
N GLY C 428 -7.13 -23.05 -5.82
CA GLY C 428 -8.31 -22.38 -6.31
C GLY C 428 -7.99 -21.21 -7.20
N LEU C 429 -6.94 -20.45 -6.87
CA LEU C 429 -6.52 -19.33 -7.73
C LEU C 429 -5.97 -19.82 -9.05
N GLY C 430 -5.13 -20.87 -9.02
CA GLY C 430 -4.59 -21.40 -10.26
C GLY C 430 -5.64 -22.05 -11.14
N LEU C 431 -6.53 -22.84 -10.54
CA LEU C 431 -7.61 -23.46 -11.31
C LEU C 431 -8.62 -22.42 -11.79
N THR C 432 -8.80 -21.33 -11.06
CA THR C 432 -9.70 -20.26 -11.51
C THR C 432 -9.14 -19.55 -12.73
N VAL C 433 -7.83 -19.23 -12.71
CA VAL C 433 -7.21 -18.57 -13.86
C VAL C 433 -7.17 -19.51 -15.07
N VAL C 434 -6.83 -20.78 -14.85
CA VAL C 434 -6.75 -21.74 -15.96
C VAL C 434 -8.14 -22.04 -16.54
N GLY C 435 -9.14 -22.22 -15.67
CA GLY C 435 -10.49 -22.46 -16.14
C GLY C 435 -11.12 -21.27 -16.81
N ALA C 436 -10.82 -20.05 -16.34
CA ALA C 436 -11.29 -18.85 -17.03
C ALA C 436 -10.65 -18.71 -18.40
N GLY C 437 -9.34 -18.97 -18.50
CA GLY C 437 -8.66 -18.92 -19.78
C GLY C 437 -9.14 -19.95 -20.78
N VAL C 438 -9.40 -21.17 -20.35
CA VAL C 438 -9.90 -22.20 -21.25
C VAL C 438 -11.36 -21.95 -21.60
N PHE C 439 -12.16 -21.45 -20.66
CA PHE C 439 -13.58 -21.19 -20.93
C PHE C 439 -13.76 -19.99 -21.84
N PHE C 440 -12.83 -19.04 -21.84
CA PHE C 440 -12.97 -17.86 -22.67
C PHE C 440 -12.18 -17.93 -23.98
N TYR C 441 -11.12 -18.72 -24.06
CA TYR C 441 -10.36 -18.82 -25.30
C TYR C 441 -10.80 -20.01 -26.16
N ARG C 442 -10.89 -21.21 -25.59
CA ARG C 442 -11.42 -22.34 -26.35
C ARG C 442 -12.92 -22.18 -26.59
N GLY C 443 -13.63 -21.50 -25.69
CA GLY C 443 -15.04 -21.24 -25.87
C GLY C 443 -15.91 -22.45 -25.61
N LEU C 444 -17.20 -22.23 -25.76
CA LEU C 444 -18.23 -23.25 -25.65
C LEU C 444 -18.62 -23.74 -27.04
N PRO C 445 -19.31 -24.87 -27.15
CA PRO C 445 -19.89 -25.30 -28.44
C PRO C 445 -20.86 -24.26 -29.00
N PRO C 446 -21.10 -24.27 -30.32
CA PRO C 446 -21.94 -23.21 -30.90
C PRO C 446 -23.39 -23.30 -30.48
N PHE C 447 -24.01 -22.15 -30.37
CA PHE C 447 -25.33 -22.01 -29.76
C PHE C 447 -26.46 -22.04 -30.76
N GLY C 448 -26.16 -22.11 -32.06
CA GLY C 448 -27.20 -22.20 -33.05
C GLY C 448 -26.66 -22.82 -34.31
N GLU C 449 -27.58 -23.18 -35.19
CA GLU C 449 -27.21 -23.75 -36.47
C GLU C 449 -26.97 -22.63 -37.48
N ALA C 450 -26.74 -22.99 -38.74
CA ALA C 450 -26.71 -21.98 -39.78
C ALA C 450 -28.13 -21.65 -40.24
N VAL C 451 -28.82 -22.62 -40.80
CA VAL C 451 -30.20 -22.41 -41.27
C VAL C 451 -31.15 -22.58 -40.09
N GLN C 452 -31.99 -21.58 -39.86
CA GLN C 452 -32.97 -21.59 -38.78
C GLN C 452 -34.31 -21.13 -39.32
N VAL C 453 -35.19 -22.06 -39.59
CA VAL C 453 -36.45 -21.77 -40.27
C VAL C 453 -37.52 -21.47 -39.25
N TRP C 454 -38.36 -20.49 -39.55
CA TRP C 454 -39.57 -20.20 -38.80
C TRP C 454 -40.75 -20.41 -39.72
N ARG C 455 -41.69 -21.25 -39.30
CA ARG C 455 -42.88 -21.51 -40.08
C ARG C 455 -44.05 -20.69 -39.56
N LYS C 456 -44.99 -20.39 -40.44
CA LYS C 456 -46.22 -19.73 -40.03
C LYS C 456 -47.14 -20.74 -39.35
N PRO C 457 -47.47 -20.56 -38.08
CA PRO C 457 -48.29 -21.54 -37.38
C PRO C 457 -49.74 -21.50 -37.79
N VAL C 458 -50.38 -22.66 -37.76
CA VAL C 458 -51.78 -22.78 -38.13
C VAL C 458 -52.65 -23.06 -36.92
#